data_5W3F
#
_entry.id   5W3F
#
_cell.length_a   1.0
_cell.length_b   1.0
_cell.length_c   1.0
_cell.angle_alpha   90.0
_cell.angle_beta   90.0
_cell.angle_gamma   90.0
#
_symmetry.space_group_name_H-M   'P 1'
#
loop_
_entity.id
_entity.type
_entity.pdbx_description
1 polymer 'Tubulin alpha-1 chain'
2 polymer 'Tubulin beta chain'
3 non-polymer 'MAGNESIUM ION'
4 non-polymer "GUANOSINE-5'-TRIPHOSPHATE"
5 non-polymer "GUANOSINE-5'-DIPHOSPHATE"
#
loop_
_entity_poly.entity_id
_entity_poly.type
_entity_poly.pdbx_seq_one_letter_code
_entity_poly.pdbx_strand_id
1 'polypeptide(L)'
;MREVISINVGQAGCQIGNACWELYSLEHGIKPDGHLEDGLSKPKGGEEGFSTFFHETGYGKFVPRAIYVDLEPNVIDEVR
NGPYKDLFHPEQLISGKEDAANNYARGHYTVGREILGDVLDRIRKLADQCDGLQGFLFTHSLGGGTGSGLGSLLLEELSA
EYGKKSKLEFAVYPAPQVSTSVVEPYNTVLTTHTTLEHADCTFMVDNEAIYDMCKRNLDIPRPSFANLNNLIAQVVSSVT
ASLRFDGSLNVDLNEFQTNLVPYPRIHFPLVSYSPVLSKSKAFHESNSVSEITNACFEPGNQMVKCDPRDGKYMATCLLY
RGDVVTRDVQRAVEQVKNKKTVQLVDWCPTGFKIGICYEPPTATPNSQLATVDRAVCMLSNTTSIAEAWKRIDRKFDLMY
AKRAFVHWYVGEGMEEGEFTEAREDLAALERDYIEVGADSYAEEEEF
;
A
2 'polypeptide(L)'
;MREIIHISTGQCGNQIGAAFWETICGEHGLDFNGTYHGHDDIQKERLNVYFNEASSGKWVPRSINVDLEPGTIDAVRNSA
IGNLFRPDNYIFGQSSAGNVWAKGHYTEGAELVDSVMDVIRREAEGCDSLQGFQITHSLGGGTGSGMGTLLISKIREEFP
DRMMATFSVLPSPKTSDTVVEPYNATLSVHQLVEHSDETFCIDNEALYDICQRTLKLNQPSYGDLNNLVSSVMSGVTTSL
RYPGQLNSDLRKLAVNLVPFPRLHFFMVGYAPLTAIGSQSFRSLTVPELTQQMFDAKNMMAAADPRNGRYLTVAAFFRGK
VSVKEVEDEMHKVQSKNSDYFVEWIPNNVQTAVCSVAPQGLDMAATFIANSTSIQELFKRVGDQFSAMFKRKAFLHWYTS
EGMDELEFSEAESNMNDLVSEYQQYQEATVEDDEEVDENGDFGAPQNQDEPITENFE
;
B
#
# COMPACT_ATOMS: atom_id res chain seq x y z
N MET A 1 -12.48 37.84 1.42
CA MET A 1 -12.85 36.43 1.50
C MET A 1 -12.58 35.85 2.88
N ARG A 2 -13.25 34.75 3.20
CA ARG A 2 -13.09 34.10 4.48
C ARG A 2 -12.84 32.59 4.49
N GLU A 3 -13.88 31.79 4.27
CA GLU A 3 -13.71 30.36 4.50
C GLU A 3 -12.92 29.44 3.59
N VAL A 4 -12.34 28.42 4.25
CA VAL A 4 -11.61 27.35 3.56
C VAL A 4 -11.97 25.97 4.08
N ILE A 5 -12.25 25.03 3.18
CA ILE A 5 -12.59 23.66 3.59
C ILE A 5 -11.49 22.67 3.22
N SER A 6 -11.10 21.84 4.19
CA SER A 6 -10.04 20.86 4.01
C SER A 6 -10.54 19.49 3.63
N ILE A 7 -9.93 18.89 2.63
CA ILE A 7 -10.34 17.57 2.19
C ILE A 7 -9.19 16.57 2.11
N ASN A 8 -9.30 15.49 2.87
CA ASN A 8 -8.26 14.48 2.89
C ASN A 8 -8.70 13.26 2.13
N VAL A 9 -7.91 12.79 1.18
CA VAL A 9 -8.33 11.61 0.45
C VAL A 9 -7.27 10.55 0.43
N GLY A 10 -7.62 9.38 0.92
CA GLY A 10 -6.68 8.27 0.94
C GLY A 10 -5.89 8.31 2.24
N GLN A 11 -5.09 7.29 2.48
CA GLN A 11 -4.34 7.18 3.71
C GLN A 11 -3.33 8.28 3.89
N ALA A 12 -2.44 8.45 2.92
CA ALA A 12 -1.42 9.48 3.05
C ALA A 12 -2.05 10.84 3.27
N GLY A 13 -3.11 11.11 2.53
CA GLY A 13 -3.79 12.38 2.67
C GLY A 13 -4.30 12.55 4.08
N CYS A 14 -4.91 11.51 4.60
CA CYS A 14 -5.44 11.56 5.95
C CYS A 14 -4.36 11.72 6.99
N GLN A 15 -3.22 11.07 6.79
CA GLN A 15 -2.14 11.18 7.75
C GLN A 15 -1.60 12.59 7.81
N ILE A 16 -1.46 13.20 6.63
CA ILE A 16 -0.97 14.56 6.57
C ILE A 16 -1.97 15.49 7.20
N GLY A 17 -3.24 15.28 6.88
CA GLY A 17 -4.30 16.09 7.44
C GLY A 17 -4.26 16.04 8.94
N ASN A 18 -4.03 14.86 9.51
CA ASN A 18 -3.96 14.72 10.95
C ASN A 18 -2.94 15.68 11.53
N ALA A 19 -1.76 15.68 10.90
CA ALA A 19 -0.69 16.57 11.33
C ALA A 19 -1.11 18.02 11.23
N CYS A 20 -1.76 18.40 10.13
CA CYS A 20 -2.20 19.77 10.00
C CYS A 20 -3.16 20.22 11.05
N TRP A 21 -4.13 19.38 11.38
CA TRP A 21 -5.07 19.80 12.38
C TRP A 21 -4.47 19.85 13.75
N GLU A 22 -3.51 18.95 14.02
CA GLU A 22 -2.82 19.03 15.27
C GLU A 22 -2.15 20.39 15.39
N LEU A 23 -1.41 20.72 14.34
CA LEU A 23 -0.70 21.97 14.24
C LEU A 23 -1.58 23.20 14.34
N TYR A 24 -2.71 23.20 13.64
CA TYR A 24 -3.56 24.36 13.68
C TYR A 24 -4.12 24.59 15.05
N SER A 25 -4.47 23.50 15.72
CA SER A 25 -5.00 23.69 17.05
C SER A 25 -3.90 24.20 17.95
N LEU A 26 -2.67 23.77 17.71
CA LEU A 26 -1.58 24.29 18.49
C LEU A 26 -1.46 25.79 18.32
N GLU A 27 -1.44 26.24 17.07
CA GLU A 27 -1.29 27.66 16.82
C GLU A 27 -2.38 28.51 17.45
N HIS A 28 -3.60 28.02 17.47
CA HIS A 28 -4.64 28.81 18.09
C HIS A 28 -4.98 28.46 19.52
N GLY A 29 -4.16 27.67 20.21
CA GLY A 29 -4.48 27.37 21.59
C GLY A 29 -5.70 26.47 21.76
N ILE A 30 -6.03 25.71 20.74
CA ILE A 30 -7.17 24.82 20.81
C ILE A 30 -6.70 23.48 21.32
N LYS A 31 -7.34 22.98 22.37
CA LYS A 31 -6.95 21.69 22.91
C LYS A 31 -7.44 20.55 22.02
N PRO A 32 -6.98 19.30 22.21
CA PRO A 32 -7.40 18.13 21.47
C PRO A 32 -8.88 17.82 21.45
N ASP A 33 -9.63 18.35 22.39
CA ASP A 33 -11.06 18.15 22.40
C ASP A 33 -11.82 19.31 21.78
N GLY A 34 -11.10 20.39 21.47
CA GLY A 34 -11.74 21.61 21.05
C GLY A 34 -12.19 22.12 22.41
N HIS A 35 -12.96 23.17 22.49
CA HIS A 35 -13.51 23.56 23.77
C HIS A 35 -12.58 23.96 24.91
N LEU A 36 -11.83 25.06 24.80
CA LEU A 36 -11.69 25.91 23.63
C LEU A 36 -10.30 25.93 22.98
N GLU A 37 -9.17 26.05 23.72
CA GLU A 37 -9.04 26.17 25.18
C GLU A 37 -7.89 27.01 25.73
N ASP A 38 -8.07 28.32 25.95
CA ASP A 38 -9.26 29.13 25.68
C ASP A 38 -9.13 29.51 24.22
N GLY A 39 -10.11 30.22 23.67
CA GLY A 39 -10.01 30.58 22.27
C GLY A 39 -10.45 31.99 21.93
N LEU A 40 -9.82 33.09 22.41
CA LEU A 40 -8.70 33.32 23.32
C LEU A 40 -8.29 34.78 23.18
N SER A 41 -7.64 35.10 22.05
CA SER A 41 -7.17 36.44 21.72
C SER A 41 -8.07 36.85 20.54
N LYS A 42 -7.73 37.52 19.43
CA LYS A 42 -6.59 38.17 18.78
C LYS A 42 -5.32 37.42 18.43
N PRO A 43 -5.41 36.44 17.53
CA PRO A 43 -6.62 35.95 16.88
C PRO A 43 -6.64 34.48 17.20
N LYS A 44 -6.40 34.16 18.44
CA LYS A 44 -6.24 32.77 18.80
C LYS A 44 -7.48 31.93 19.03
N GLY A 45 -8.23 31.62 17.98
CA GLY A 45 -9.35 30.71 18.14
C GLY A 45 -10.83 31.08 17.93
N GLY A 46 -11.25 32.27 17.46
CA GLY A 46 -10.55 33.46 16.99
C GLY A 46 -10.23 34.43 18.12
N GLU A 47 -10.35 35.75 17.95
CA GLU A 47 -10.79 36.57 16.80
C GLU A 47 -10.36 36.14 15.42
N GLU A 48 -11.23 36.34 14.45
CA GLU A 48 -11.01 35.91 13.08
C GLU A 48 -9.63 36.17 12.49
N GLY A 49 -8.96 35.12 11.98
CA GLY A 49 -9.46 33.74 11.92
C GLY A 49 -9.16 33.13 13.27
N PHE A 50 -10.02 32.31 13.88
CA PHE A 50 -11.27 31.75 13.39
C PHE A 50 -12.52 32.60 13.49
N SER A 51 -13.59 32.24 12.78
CA SER A 51 -13.72 31.03 11.97
C SER A 51 -13.09 31.19 10.58
N THR A 52 -12.29 30.21 10.21
CA THR A 52 -11.57 30.09 8.95
C THR A 52 -11.43 28.63 8.66
N PHE A 53 -10.91 27.94 9.67
CA PHE A 53 -10.76 26.51 9.69
C PHE A 53 -11.74 25.85 10.62
N PHE A 54 -11.84 26.38 11.83
CA PHE A 54 -12.74 25.80 12.80
C PHE A 54 -14.09 26.45 12.78
N HIS A 55 -15.11 25.61 12.84
CA HIS A 55 -16.50 26.04 12.90
C HIS A 55 -16.81 26.43 14.31
N GLU A 56 -17.46 27.56 14.43
CA GLU A 56 -17.88 28.06 15.72
C GLU A 56 -18.92 27.16 16.33
N THR A 57 -18.80 26.96 17.63
CA THR A 57 -19.74 26.14 18.35
C THR A 57 -20.26 26.96 19.50
N GLY A 58 -21.56 26.93 19.74
CA GLY A 58 -22.17 27.76 20.77
C GLY A 58 -21.83 27.46 22.23
N TYR A 59 -21.00 26.47 22.51
CA TYR A 59 -20.33 25.71 23.54
C TYR A 59 -18.83 25.89 23.56
N GLY A 60 -18.26 26.27 22.43
CA GLY A 60 -16.82 26.41 22.32
C GLY A 60 -16.12 25.16 21.81
N LYS A 61 -16.82 24.05 21.64
CA LYS A 61 -16.17 22.87 21.13
C LYS A 61 -16.04 23.09 19.64
N PHE A 62 -14.97 23.78 19.25
CA PHE A 62 -14.75 24.16 17.88
C PHE A 62 -14.58 22.96 16.99
N VAL A 63 -15.12 23.07 15.78
CA VAL A 63 -15.05 21.92 14.91
C VAL A 63 -14.35 22.12 13.60
N PRO A 64 -13.21 21.50 13.39
CA PRO A 64 -12.51 21.54 12.15
C PRO A 64 -13.31 21.22 10.94
N ARG A 65 -13.36 22.16 10.02
CA ARG A 65 -14.04 21.93 8.75
C ARG A 65 -13.20 21.11 7.80
N ALA A 66 -13.11 19.84 8.12
CA ALA A 66 -12.37 18.85 7.40
C ALA A 66 -13.19 17.64 7.09
N ILE A 67 -13.00 17.12 5.91
CA ILE A 67 -13.69 15.93 5.50
C ILE A 67 -12.68 14.86 5.12
N TYR A 68 -12.80 13.72 5.77
CA TYR A 68 -11.94 12.58 5.53
C TYR A 68 -12.63 11.58 4.66
N VAL A 69 -12.01 11.27 3.54
CA VAL A 69 -12.59 10.31 2.64
C VAL A 69 -11.69 9.15 2.36
N ASP A 70 -12.18 7.96 2.63
CA ASP A 70 -11.37 6.79 2.31
C ASP A 70 -12.26 5.61 2.00
N LEU A 71 -11.66 4.64 1.34
CA LEU A 71 -12.35 3.43 0.94
C LEU A 71 -12.00 2.34 1.92
N GLU A 72 -10.92 2.56 2.68
CA GLU A 72 -10.47 1.63 3.70
C GLU A 72 -10.76 2.08 5.11
N PRO A 73 -11.69 1.43 5.82
CA PRO A 73 -12.09 1.76 7.17
C PRO A 73 -10.97 1.92 8.16
N ASN A 74 -9.94 1.10 8.03
CA ASN A 74 -8.79 1.08 8.92
C ASN A 74 -8.14 2.42 9.16
N VAL A 75 -8.05 3.25 8.13
CA VAL A 75 -7.35 4.52 8.23
C VAL A 75 -8.13 5.48 9.09
N ILE A 76 -9.39 5.60 8.75
CA ILE A 76 -10.28 6.46 9.49
C ILE A 76 -10.46 5.93 10.89
N ASP A 77 -10.51 4.62 11.09
CA ASP A 77 -10.59 4.09 12.42
C ASP A 77 -9.42 4.55 13.26
N GLU A 78 -8.23 4.57 12.67
CA GLU A 78 -7.09 5.11 13.39
C GLU A 78 -7.44 6.49 13.90
N VAL A 79 -7.93 7.34 12.99
CA VAL A 79 -8.33 8.68 13.38
C VAL A 79 -9.38 8.68 14.48
N ARG A 80 -10.38 7.81 14.34
CA ARG A 80 -11.45 7.73 15.32
C ARG A 80 -11.01 7.15 16.65
N ASN A 81 -9.85 6.53 16.72
CA ASN A 81 -9.37 6.04 17.98
C ASN A 81 -8.15 6.83 18.43
N GLY A 82 -7.89 7.96 17.77
CA GLY A 82 -6.75 8.76 18.13
C GLY A 82 -7.19 9.83 19.11
N PRO A 83 -6.24 10.63 19.61
CA PRO A 83 -6.46 11.67 20.58
C PRO A 83 -7.23 12.83 20.02
N TYR A 84 -7.31 12.92 18.71
CA TYR A 84 -8.04 13.98 18.09
C TYR A 84 -9.41 13.55 17.64
N LYS A 85 -9.90 12.42 18.16
CA LYS A 85 -11.25 11.96 17.87
C LYS A 85 -12.28 13.08 18.03
N ASP A 86 -12.17 13.82 19.13
CA ASP A 86 -13.05 14.92 19.44
C ASP A 86 -12.87 16.18 18.63
N LEU A 87 -11.93 16.21 17.70
CA LEU A 87 -11.85 17.36 16.86
C LEU A 87 -12.62 17.10 15.59
N PHE A 88 -13.31 15.99 15.46
CA PHE A 88 -14.01 15.88 14.20
C PHE A 88 -15.44 15.53 14.40
N HIS A 89 -16.29 16.08 13.55
CA HIS A 89 -17.67 15.72 13.65
C HIS A 89 -17.62 14.31 13.17
N PRO A 90 -18.30 13.35 13.79
CA PRO A 90 -18.22 12.00 13.36
C PRO A 90 -18.75 11.79 11.96
N GLU A 91 -19.66 12.64 11.50
CA GLU A 91 -20.18 12.43 10.18
C GLU A 91 -19.32 13.05 9.08
N GLN A 92 -18.16 13.58 9.44
CA GLN A 92 -17.19 14.09 8.50
C GLN A 92 -16.13 13.04 8.22
N LEU A 93 -16.21 11.91 8.91
CA LEU A 93 -15.24 10.85 8.74
C LEU A 93 -15.86 9.79 7.85
N ILE A 94 -15.78 10.03 6.55
CA ILE A 94 -16.45 9.16 5.60
C ILE A 94 -15.70 7.90 5.24
N SER A 95 -15.92 6.90 6.09
CA SER A 95 -15.40 5.56 5.95
C SER A 95 -16.01 4.82 4.79
N GLY A 96 -15.18 4.06 4.10
CA GLY A 96 -15.62 3.25 2.98
C GLY A 96 -15.81 1.82 3.44
N LYS A 97 -15.31 0.86 2.66
CA LYS A 97 -15.49 -0.54 3.00
C LYS A 97 -14.61 -1.43 2.16
N GLU A 98 -14.97 -1.59 0.88
CA GLU A 98 -14.15 -2.40 0.01
C GLU A 98 -13.21 -1.50 -0.75
N ASP A 99 -11.92 -1.72 -0.56
CA ASP A 99 -10.92 -0.91 -1.23
C ASP A 99 -10.86 -1.00 -2.74
N ALA A 100 -10.33 0.08 -3.28
CA ALA A 100 -10.08 0.20 -4.69
C ALA A 100 -8.74 -0.45 -5.07
N ALA A 101 -8.01 -0.99 -4.10
CA ALA A 101 -6.75 -1.71 -4.25
C ALA A 101 -5.65 -0.79 -4.71
N ASN A 102 -5.10 -1.01 -5.91
CA ASN A 102 -4.01 -0.15 -6.31
C ASN A 102 -3.94 0.14 -7.82
N ASN A 103 -4.94 0.71 -8.50
CA ASN A 103 -6.19 1.22 -7.97
C ASN A 103 -7.04 2.10 -8.85
N TYR A 104 -6.43 3.05 -9.56
CA TYR A 104 -7.16 4.09 -10.29
C TYR A 104 -8.44 3.69 -11.01
N ALA A 105 -8.49 2.56 -11.69
CA ALA A 105 -9.71 2.17 -12.38
C ALA A 105 -10.91 2.02 -11.44
N ARG A 106 -10.63 1.72 -10.19
CA ARG A 106 -11.61 1.55 -9.14
C ARG A 106 -11.75 2.87 -8.41
N GLY A 107 -10.61 3.48 -8.11
CA GLY A 107 -10.58 4.73 -7.35
C GLY A 107 -11.30 5.86 -8.02
N HIS A 108 -11.03 6.13 -9.29
CA HIS A 108 -11.74 7.22 -9.91
C HIS A 108 -13.02 6.68 -10.51
N TYR A 109 -13.46 5.47 -10.19
CA TYR A 109 -14.64 5.07 -10.91
C TYR A 109 -15.45 3.96 -10.31
N THR A 110 -15.10 2.69 -10.51
CA THR A 110 -16.07 1.67 -10.08
C THR A 110 -16.35 1.60 -8.60
N VAL A 111 -15.42 2.06 -7.77
CA VAL A 111 -15.65 2.06 -6.34
C VAL A 111 -15.89 3.46 -5.84
N GLY A 112 -15.02 4.37 -6.27
CA GLY A 112 -15.10 5.75 -5.82
C GLY A 112 -16.44 6.42 -6.01
N ARG A 113 -17.08 6.19 -7.16
CA ARG A 113 -18.36 6.77 -7.46
C ARG A 113 -19.47 6.34 -6.51
N GLU A 114 -19.24 5.31 -5.71
CA GLU A 114 -20.27 4.80 -4.86
C GLU A 114 -20.34 5.55 -3.56
N ILE A 115 -19.37 6.42 -3.28
CA ILE A 115 -19.48 7.18 -2.07
C ILE A 115 -19.54 8.66 -2.33
N LEU A 116 -19.19 9.10 -3.53
CA LEU A 116 -19.28 10.53 -3.80
C LEU A 116 -20.60 11.21 -3.54
N GLY A 117 -21.72 10.51 -3.61
CA GLY A 117 -22.96 11.18 -3.31
C GLY A 117 -22.95 11.68 -1.87
N ASP A 118 -22.39 10.87 -0.97
CA ASP A 118 -22.35 11.22 0.43
C ASP A 118 -21.34 12.30 0.66
N VAL A 119 -20.20 12.16 -0.02
CA VAL A 119 -19.12 13.10 0.11
C VAL A 119 -19.52 14.49 -0.32
N LEU A 120 -20.13 14.56 -1.49
CA LEU A 120 -20.56 15.84 -2.00
C LEU A 120 -21.64 16.46 -1.17
N ASP A 121 -22.59 15.69 -0.66
CA ASP A 121 -23.58 16.32 0.18
C ASP A 121 -22.98 16.79 1.49
N ARG A 122 -22.03 16.03 2.05
CA ARG A 122 -21.32 16.47 3.23
C ARG A 122 -20.74 17.85 2.99
N ILE A 123 -20.05 17.97 1.87
CA ILE A 123 -19.44 19.22 1.45
C ILE A 123 -20.44 20.31 1.29
N ARG A 124 -21.56 20.04 0.62
CA ARG A 124 -22.58 21.04 0.42
C ARG A 124 -23.14 21.58 1.70
N LYS A 125 -23.41 20.71 2.66
CA LYS A 125 -23.92 21.19 3.92
C LYS A 125 -22.93 22.09 4.60
N LEU A 126 -21.67 21.68 4.54
CA LEU A 126 -20.62 22.43 5.17
C LEU A 126 -20.42 23.78 4.49
N ALA A 127 -20.44 23.77 3.18
CA ALA A 127 -20.27 24.96 2.36
C ALA A 127 -21.39 25.92 2.62
N ASP A 128 -22.61 25.43 2.80
CA ASP A 128 -23.70 26.32 3.12
C ASP A 128 -23.50 26.99 4.47
N GLN A 129 -22.94 26.26 5.44
CA GLN A 129 -22.63 26.89 6.72
C GLN A 129 -21.59 28.01 6.56
N CYS A 130 -20.63 27.82 5.68
CA CYS A 130 -19.59 28.80 5.40
C CYS A 130 -19.94 30.09 4.66
N ASP A 131 -19.21 31.15 5.00
CA ASP A 131 -19.33 32.46 4.36
C ASP A 131 -18.14 32.71 3.45
N GLY A 132 -18.38 33.21 2.25
CA GLY A 132 -17.28 33.49 1.34
C GLY A 132 -16.79 32.23 0.64
N LEU A 133 -16.18 31.34 1.43
CA LEU A 133 -15.67 30.06 0.97
C LEU A 133 -14.65 30.26 -0.10
N GLN A 134 -13.58 30.96 0.23
CA GLN A 134 -12.60 31.27 -0.77
C GLN A 134 -11.97 30.05 -1.41
N GLY A 135 -11.88 28.94 -0.70
CA GLY A 135 -11.34 27.78 -1.38
C GLY A 135 -11.45 26.46 -0.65
N PHE A 136 -10.97 25.46 -1.37
CA PHE A 136 -10.88 24.10 -0.91
C PHE A 136 -9.43 23.72 -0.91
N LEU A 137 -9.08 22.90 0.06
CA LEU A 137 -7.72 22.48 0.19
C LEU A 137 -7.59 20.98 0.21
N PHE A 138 -7.18 20.42 -0.92
CA PHE A 138 -7.00 18.98 -0.99
C PHE A 138 -5.66 18.51 -0.54
N THR A 139 -5.70 17.41 0.17
CA THR A 139 -4.49 16.76 0.63
C THR A 139 -4.54 15.30 0.27
N HIS A 140 -3.65 14.87 -0.63
CA HIS A 140 -3.65 13.45 -0.96
C HIS A 140 -2.39 13.01 -1.69
N SER A 141 -2.36 11.73 -1.98
CA SER A 141 -1.26 11.06 -2.67
C SER A 141 -1.51 10.68 -4.11
N LEU A 142 -0.49 10.84 -4.94
CA LEU A 142 -0.59 10.38 -6.31
C LEU A 142 -0.05 8.98 -6.51
N GLY A 143 0.14 8.24 -5.42
CA GLY A 143 0.62 6.88 -5.47
C GLY A 143 -0.56 5.94 -5.55
N GLY A 144 -1.20 5.65 -4.43
CA GLY A 144 -2.37 4.81 -4.53
C GLY A 144 -3.48 5.60 -5.18
N GLY A 145 -4.24 4.90 -5.98
CA GLY A 145 -5.35 5.45 -6.73
C GLY A 145 -6.51 6.01 -5.93
N THR A 146 -6.66 5.70 -4.65
CA THR A 146 -7.75 6.33 -3.95
C THR A 146 -7.40 7.79 -3.85
N GLY A 147 -6.24 8.06 -3.23
CA GLY A 147 -5.78 9.43 -3.14
C GLY A 147 -5.69 10.06 -4.52
N SER A 148 -5.21 9.32 -5.51
CA SER A 148 -5.09 9.85 -6.85
C SER A 148 -6.41 9.94 -7.60
N GLY A 149 -6.99 8.80 -7.97
CA GLY A 149 -8.24 8.71 -8.72
C GLY A 149 -9.49 9.16 -8.00
N LEU A 150 -9.69 8.77 -6.74
CA LEU A 150 -10.89 9.25 -6.08
C LEU A 150 -10.77 10.72 -5.86
N GLY A 151 -9.61 11.13 -5.35
CA GLY A 151 -9.32 12.54 -5.14
C GLY A 151 -9.60 13.32 -6.41
N SER A 152 -9.17 12.77 -7.55
CA SER A 152 -9.42 13.37 -8.84
C SER A 152 -10.89 13.56 -9.13
N LEU A 153 -11.69 12.53 -8.90
CA LEU A 153 -13.10 12.74 -9.16
C LEU A 153 -13.70 13.80 -8.32
N LEU A 154 -13.33 13.81 -7.05
CA LEU A 154 -13.89 14.76 -6.13
C LEU A 154 -13.52 16.17 -6.54
N LEU A 155 -12.26 16.37 -6.89
CA LEU A 155 -11.79 17.64 -7.38
C LEU A 155 -12.64 18.11 -8.54
N GLU A 156 -12.79 17.25 -9.54
CA GLU A 156 -13.61 17.57 -10.69
C GLU A 156 -15.02 17.95 -10.32
N GLU A 157 -15.61 17.21 -9.40
CA GLU A 157 -16.96 17.51 -9.00
C GLU A 157 -17.07 18.87 -8.38
N LEU A 158 -16.05 19.31 -7.63
CA LEU A 158 -16.15 20.64 -7.06
C LEU A 158 -15.88 21.74 -8.08
N SER A 159 -15.10 21.44 -9.11
CA SER A 159 -14.92 22.45 -10.14
C SER A 159 -16.22 22.58 -10.92
N ALA A 160 -16.97 21.50 -11.03
CA ALA A 160 -18.27 21.56 -11.67
C ALA A 160 -19.30 22.20 -10.76
N GLU A 161 -19.22 21.90 -9.48
CA GLU A 161 -20.13 22.40 -8.46
C GLU A 161 -20.03 23.89 -8.28
N TYR A 162 -18.80 24.39 -8.24
CA TYR A 162 -18.60 25.81 -8.06
C TYR A 162 -17.88 26.41 -9.23
N GLY A 163 -16.68 25.90 -9.47
CA GLY A 163 -15.83 26.40 -10.54
C GLY A 163 -15.26 27.80 -10.33
N LYS A 164 -15.47 28.40 -9.16
CA LYS A 164 -15.02 29.76 -8.92
C LYS A 164 -14.28 29.92 -7.62
N LYS A 165 -14.13 28.84 -6.87
CA LYS A 165 -13.44 28.96 -5.60
C LYS A 165 -12.05 28.44 -5.87
N SER A 166 -11.10 28.78 -5.00
CA SER A 166 -9.74 28.35 -5.22
C SER A 166 -9.61 26.88 -4.91
N LYS A 167 -8.99 26.14 -5.82
CA LYS A 167 -8.80 24.72 -5.65
C LYS A 167 -7.33 24.41 -5.46
N LEU A 168 -6.96 24.27 -4.19
CA LEU A 168 -5.58 23.96 -3.83
C LEU A 168 -5.39 22.47 -3.81
N GLU A 169 -4.23 22.02 -4.22
CA GLU A 169 -4.05 20.59 -4.13
C GLU A 169 -2.64 20.23 -3.80
N PHE A 170 -2.45 19.74 -2.59
CA PHE A 170 -1.16 19.32 -2.14
C PHE A 170 -1.08 17.85 -2.48
N ALA A 171 -0.24 17.55 -3.46
CA ALA A 171 -0.13 16.19 -3.95
C ALA A 171 1.23 15.58 -3.68
N VAL A 172 1.22 14.37 -3.15
CA VAL A 172 2.46 13.68 -2.92
C VAL A 172 2.86 12.87 -4.13
N TYR A 173 4.08 13.09 -4.57
CA TYR A 173 4.65 12.43 -5.73
C TYR A 173 5.57 11.28 -5.43
N PRO A 174 5.76 10.39 -6.40
CA PRO A 174 6.66 9.28 -6.27
C PRO A 174 8.10 9.72 -6.37
N ALA A 175 8.94 9.21 -5.50
CA ALA A 175 10.33 9.60 -5.55
C ALA A 175 10.91 9.01 -6.81
N PRO A 176 11.73 9.76 -7.55
CA PRO A 176 12.27 9.34 -8.81
C PRO A 176 13.17 8.13 -8.72
N GLN A 177 13.78 7.93 -7.55
CA GLN A 177 14.70 6.83 -7.36
C GLN A 177 14.17 5.66 -6.58
N VAL A 178 12.95 5.74 -6.07
CA VAL A 178 12.51 4.63 -5.22
C VAL A 178 11.07 4.71 -4.82
N SER A 179 10.36 3.61 -4.89
CA SER A 179 8.99 3.71 -4.40
C SER A 179 8.48 2.39 -3.89
N THR A 180 7.32 2.47 -3.25
CA THR A 180 6.69 1.33 -2.62
C THR A 180 5.61 0.67 -3.43
N SER A 181 5.38 1.11 -4.67
CA SER A 181 4.34 0.52 -5.48
C SER A 181 4.66 0.40 -6.95
N VAL A 182 4.65 -0.82 -7.45
CA VAL A 182 5.02 -1.11 -8.82
C VAL A 182 4.21 -0.40 -9.90
N VAL A 183 2.89 -0.34 -9.77
CA VAL A 183 2.14 0.32 -10.84
C VAL A 183 1.88 1.79 -10.64
N GLU A 184 2.59 2.38 -9.69
CA GLU A 184 2.45 3.78 -9.37
C GLU A 184 2.48 4.73 -10.57
N PRO A 185 3.34 4.56 -11.60
CA PRO A 185 3.29 5.40 -12.76
C PRO A 185 1.95 5.46 -13.44
N TYR A 186 1.19 4.37 -13.37
CA TYR A 186 -0.11 4.45 -14.00
C TYR A 186 -1.02 5.23 -13.10
N ASN A 187 -0.94 4.98 -11.81
CA ASN A 187 -1.83 5.69 -10.91
C ASN A 187 -1.52 7.19 -10.86
N THR A 188 -0.27 7.55 -11.14
CA THR A 188 0.08 8.96 -11.18
C THR A 188 -0.25 9.59 -12.51
N VAL A 189 0.30 9.07 -13.59
CA VAL A 189 0.13 9.65 -14.92
C VAL A 189 -1.31 9.75 -15.35
N LEU A 190 -2.11 8.74 -15.06
CA LEU A 190 -3.51 8.78 -15.44
C LEU A 190 -4.28 9.96 -14.83
N THR A 191 -3.78 10.61 -13.78
CA THR A 191 -4.48 11.74 -13.23
C THR A 191 -3.86 13.08 -13.53
N THR A 192 -2.73 13.12 -14.25
CA THR A 192 -2.12 14.42 -14.48
C THR A 192 -3.04 15.27 -15.32
N HIS A 193 -3.81 14.61 -16.14
CA HIS A 193 -4.84 15.22 -16.95
C HIS A 193 -5.85 16.01 -16.13
N THR A 194 -6.29 15.45 -15.01
CA THR A 194 -7.36 16.10 -14.31
C THR A 194 -6.87 17.07 -13.30
N THR A 195 -5.68 16.87 -12.76
CA THR A 195 -5.23 17.89 -11.84
C THR A 195 -4.89 19.10 -12.67
N LEU A 196 -4.39 18.88 -13.88
CA LEU A 196 -4.09 19.96 -14.78
C LEU A 196 -5.28 20.83 -15.06
N GLU A 197 -6.37 20.16 -15.43
CA GLU A 197 -7.58 20.85 -15.79
C GLU A 197 -8.55 21.17 -14.67
N HIS A 198 -8.25 20.83 -13.42
CA HIS A 198 -9.23 21.13 -12.39
C HIS A 198 -8.65 21.73 -11.13
N ALA A 199 -7.36 21.71 -10.95
CA ALA A 199 -6.82 22.40 -9.78
C ALA A 199 -6.35 23.75 -10.22
N ASP A 200 -6.40 24.72 -9.31
CA ASP A 200 -5.96 26.05 -9.66
C ASP A 200 -4.50 26.17 -9.25
N CYS A 201 -4.13 25.46 -8.21
CA CYS A 201 -2.74 25.48 -7.79
C CYS A 201 -2.33 24.21 -7.10
N THR A 202 -1.34 23.55 -7.66
CA THR A 202 -0.88 22.32 -7.05
C THR A 202 0.47 22.44 -6.42
N PHE A 203 0.72 21.60 -5.44
CA PHE A 203 2.01 21.62 -4.79
C PHE A 203 2.57 20.24 -4.96
N MET A 204 3.87 20.16 -5.21
CA MET A 204 4.43 18.85 -5.46
C MET A 204 5.43 18.47 -4.38
N VAL A 205 5.11 17.45 -3.62
CA VAL A 205 6.02 17.07 -2.57
C VAL A 205 6.62 15.67 -2.72
N ASP A 206 7.94 15.58 -2.59
CA ASP A 206 8.54 14.26 -2.64
C ASP A 206 8.94 13.81 -1.26
N ASN A 207 8.52 12.59 -0.92
CA ASN A 207 8.86 12.04 0.38
C ASN A 207 10.36 11.88 0.49
N GLU A 208 11.00 11.41 -0.57
CA GLU A 208 12.44 11.21 -0.54
C GLU A 208 13.22 12.46 -0.22
N ALA A 209 12.82 13.57 -0.81
CA ALA A 209 13.49 14.81 -0.58
C ALA A 209 13.36 15.19 0.87
N ILE A 210 12.16 15.03 1.40
CA ILE A 210 11.97 15.35 2.79
C ILE A 210 12.78 14.46 3.68
N TYR A 211 12.82 13.18 3.36
CA TYR A 211 13.60 12.26 4.15
C TYR A 211 15.05 12.64 4.17
N ASP A 212 15.55 13.15 3.05
CA ASP A 212 16.92 13.62 3.03
C ASP A 212 17.11 14.70 4.06
N MET A 213 16.20 15.67 4.04
CA MET A 213 16.25 16.77 4.98
C MET A 213 16.18 16.30 6.42
N CYS A 214 15.34 15.32 6.69
CA CYS A 214 15.25 14.79 8.03
C CYS A 214 16.55 14.17 8.48
N LYS A 215 17.13 13.33 7.63
CA LYS A 215 18.37 12.67 7.96
C LYS A 215 19.53 13.64 8.12
N ARG A 216 19.58 14.64 7.26
CA ARG A 216 20.65 15.63 7.26
C ARG A 216 20.46 16.88 8.08
N ASN A 217 19.40 17.64 7.83
CA ASN A 217 19.20 18.88 8.56
C ASN A 217 18.73 18.65 9.97
N LEU A 218 17.82 17.71 10.14
CA LEU A 218 17.36 17.44 11.48
C LEU A 218 18.12 16.35 12.21
N ASP A 219 19.10 15.76 11.56
CA ASP A 219 19.94 14.74 12.19
C ASP A 219 19.14 13.52 12.60
N ILE A 220 18.14 13.12 11.82
CA ILE A 220 17.33 12.00 12.22
C ILE A 220 17.91 10.67 11.75
N PRO A 221 18.24 9.76 12.67
CA PRO A 221 18.82 8.49 12.30
C PRO A 221 17.80 7.55 11.71
N ARG A 222 16.56 7.69 12.17
CA ARG A 222 15.46 6.88 11.70
C ARG A 222 14.19 7.66 11.46
N PRO A 223 14.05 8.24 10.27
CA PRO A 223 12.88 8.97 9.85
C PRO A 223 11.61 8.16 9.87
N SER A 224 10.50 8.88 10.04
CA SER A 224 9.16 8.34 10.08
C SER A 224 8.21 9.23 9.35
N PHE A 225 7.17 8.64 8.78
CA PHE A 225 6.18 9.44 8.08
C PHE A 225 5.57 10.46 9.01
N ALA A 226 5.52 10.18 10.30
CA ALA A 226 4.97 11.15 11.23
C ALA A 226 5.77 12.44 11.20
N ASN A 227 7.09 12.31 11.13
CA ASN A 227 7.99 13.44 11.19
C ASN A 227 7.93 14.18 9.89
N LEU A 228 7.98 13.40 8.84
CA LEU A 228 7.89 13.88 7.49
C LEU A 228 6.64 14.73 7.30
N ASN A 229 5.52 14.20 7.76
CA ASN A 229 4.27 14.89 7.65
C ASN A 229 4.24 16.13 8.50
N ASN A 230 4.87 16.13 9.68
CA ASN A 230 4.92 17.34 10.48
C ASN A 230 5.55 18.48 9.72
N LEU A 231 6.64 18.18 9.01
CA LEU A 231 7.26 19.20 8.18
C LEU A 231 6.29 19.75 7.17
N ILE A 232 5.61 18.85 6.47
CA ILE A 232 4.65 19.27 5.47
C ILE A 232 3.56 20.13 6.04
N ALA A 233 3.04 19.74 7.20
CA ALA A 233 1.99 20.46 7.86
C ALA A 233 2.40 21.90 8.09
N GLN A 234 3.62 22.10 8.56
CA GLN A 234 4.08 23.46 8.76
C GLN A 234 4.09 24.23 7.48
N VAL A 235 4.56 23.62 6.40
CA VAL A 235 4.53 24.33 5.14
C VAL A 235 3.12 24.76 4.79
N VAL A 236 2.17 23.85 4.91
CA VAL A 236 0.81 24.18 4.60
C VAL A 236 0.26 25.32 5.44
N SER A 237 0.57 25.33 6.73
CA SER A 237 0.08 26.37 7.63
C SER A 237 0.52 27.78 7.26
N SER A 238 1.59 27.89 6.50
CA SER A 238 2.08 29.21 6.17
C SER A 238 1.40 29.80 4.96
N VAL A 239 0.71 28.99 4.17
CA VAL A 239 0.19 29.49 2.92
C VAL A 239 -0.79 30.68 2.83
N THR A 240 -1.85 30.97 3.61
CA THR A 240 -2.59 30.49 4.77
C THR A 240 -2.35 31.30 6.04
N ALA A 241 -1.12 31.60 6.41
CA ALA A 241 -0.88 32.29 7.67
C ALA A 241 -1.57 33.63 7.73
N SER A 242 -1.46 34.43 6.68
CA SER A 242 -2.08 35.74 6.67
C SER A 242 -3.57 35.75 6.43
N LEU A 243 -4.20 34.59 6.32
CA LEU A 243 -5.62 34.54 6.18
C LEU A 243 -6.21 34.36 7.56
N ARG A 244 -5.34 34.15 8.55
CA ARG A 244 -5.75 33.95 9.90
C ARG A 244 -5.20 35.02 10.81
N PHE A 245 -3.93 35.35 10.60
CA PHE A 245 -3.25 36.30 11.43
C PHE A 245 -2.92 37.60 10.76
N ASP A 246 -2.64 38.58 11.60
CA ASP A 246 -2.25 39.90 11.17
C ASP A 246 -0.89 39.85 10.52
N GLY A 247 -0.72 40.65 9.48
CA GLY A 247 0.55 40.70 8.82
C GLY A 247 0.77 42.07 8.21
N SER A 248 2.04 42.41 8.03
CA SER A 248 2.41 43.67 7.42
C SER A 248 1.98 43.67 5.97
N LEU A 249 2.26 42.55 5.31
CA LEU A 249 1.93 42.36 3.91
C LEU A 249 1.10 41.11 3.80
N ASN A 250 -0.21 41.29 3.81
CA ASN A 250 -1.11 40.15 3.78
C ASN A 250 -1.27 39.62 2.38
N VAL A 251 -1.33 38.29 2.30
CA VAL A 251 -1.45 37.52 1.08
C VAL A 251 -2.79 36.84 0.95
N ASP A 252 -3.52 37.17 -0.11
CA ASP A 252 -4.81 36.52 -0.26
C ASP A 252 -4.61 35.13 -0.80
N LEU A 253 -5.46 34.18 -0.54
CA LEU A 253 -5.26 32.89 -1.19
C LEU A 253 -5.17 33.05 -2.73
N ASN A 254 -5.97 33.95 -3.31
CA ASN A 254 -6.00 34.20 -4.74
C ASN A 254 -4.76 34.89 -5.24
N GLU A 255 -3.97 35.43 -4.32
CA GLU A 255 -2.73 36.13 -4.58
C GLU A 255 -1.81 35.31 -5.43
N PHE A 256 -1.84 34.00 -5.24
CA PHE A 256 -0.93 33.13 -5.95
C PHE A 256 -1.34 32.94 -7.39
N GLN A 257 -2.61 33.16 -7.66
CA GLN A 257 -3.06 33.02 -9.01
C GLN A 257 -2.53 34.22 -9.73
N THR A 258 -2.69 35.34 -9.05
CA THR A 258 -2.21 36.60 -9.56
C THR A 258 -0.70 36.66 -9.72
N ASN A 259 0.05 36.13 -8.76
CA ASN A 259 1.49 36.19 -8.85
C ASN A 259 2.26 35.00 -9.35
N LEU A 260 1.81 33.80 -9.09
CA LEU A 260 2.60 32.67 -9.51
C LEU A 260 2.16 32.07 -10.82
N VAL A 261 0.90 32.27 -11.17
CA VAL A 261 0.39 31.69 -12.40
C VAL A 261 0.29 32.63 -13.62
N PRO A 262 1.22 32.59 -14.58
CA PRO A 262 1.20 33.46 -15.73
C PRO A 262 0.34 33.03 -16.88
N TYR A 263 0.07 31.75 -16.98
CA TYR A 263 -0.77 31.24 -18.03
C TYR A 263 -1.84 30.44 -17.33
N PRO A 264 -2.88 29.97 -18.00
CA PRO A 264 -3.89 29.15 -17.37
C PRO A 264 -3.29 27.89 -16.75
N ARG A 265 -2.34 27.31 -17.47
CA ARG A 265 -1.57 26.16 -17.04
C ARG A 265 -0.33 26.68 -16.37
N ILE A 266 0.61 25.80 -16.03
CA ILE A 266 1.89 26.15 -15.41
C ILE A 266 1.80 26.14 -13.88
N HIS A 267 0.60 26.03 -13.33
CA HIS A 267 0.33 26.08 -11.89
C HIS A 267 0.82 24.95 -11.01
N PHE A 268 2.13 24.72 -11.02
CA PHE A 268 2.77 23.67 -10.25
C PHE A 268 3.98 24.17 -9.50
N PRO A 269 3.84 25.00 -8.47
CA PRO A 269 4.96 25.47 -7.74
C PRO A 269 5.62 24.47 -6.82
N LEU A 270 6.92 24.64 -6.70
CA LEU A 270 7.75 23.86 -5.82
C LEU A 270 7.64 24.54 -4.49
N VAL A 271 7.96 23.83 -3.43
CA VAL A 271 7.93 24.50 -2.15
C VAL A 271 9.32 24.43 -1.61
N SER A 272 9.71 25.31 -0.70
CA SER A 272 10.96 25.02 -0.03
C SER A 272 10.74 25.58 1.35
N TYR A 273 11.53 25.14 2.30
CA TYR A 273 11.25 25.66 3.63
C TYR A 273 12.42 25.70 4.55
N SER A 274 12.53 26.80 5.28
CA SER A 274 13.59 26.93 6.25
C SER A 274 13.12 27.89 7.31
N PRO A 275 13.74 27.94 8.47
CA PRO A 275 14.85 27.16 8.93
C PRO A 275 14.44 25.78 9.39
N VAL A 276 15.26 24.81 9.04
CA VAL A 276 15.06 23.43 9.45
C VAL A 276 16.22 23.09 10.33
N LEU A 277 16.06 23.35 11.61
CA LEU A 277 17.15 23.14 12.54
C LEU A 277 16.82 22.15 13.60
N SER A 278 17.78 21.29 13.93
CA SER A 278 17.49 20.37 15.00
C SER A 278 17.63 21.15 16.28
N LYS A 279 16.93 20.72 17.31
CA LYS A 279 17.02 21.34 18.63
C LYS A 279 18.42 21.48 19.16
N SER A 280 19.32 20.56 18.79
CA SER A 280 20.70 20.61 19.21
C SER A 280 21.51 21.76 18.60
N LYS A 281 21.05 22.29 17.49
CA LYS A 281 21.78 23.33 16.78
C LYS A 281 21.29 24.71 17.07
N ALA A 282 20.00 24.82 17.41
CA ALA A 282 19.34 26.10 17.68
C ALA A 282 19.78 26.83 18.95
N PHE A 283 21.06 27.16 18.98
CA PHE A 283 21.79 27.84 20.02
C PHE A 283 22.93 28.54 19.33
N HIS A 284 23.53 27.77 18.43
CA HIS A 284 24.63 28.21 17.62
C HIS A 284 23.97 29.00 16.52
N GLU A 285 22.79 28.54 16.14
CA GLU A 285 22.02 29.28 15.18
C GLU A 285 21.33 30.43 15.83
N SER A 286 21.28 31.51 15.05
CA SER A 286 20.68 32.76 15.42
C SER A 286 20.85 33.66 14.23
N ASN A 287 19.84 33.79 13.39
CA ASN A 287 20.10 34.64 12.24
C ASN A 287 18.97 35.44 11.64
N SER A 288 19.40 36.26 10.70
CA SER A 288 18.58 37.14 9.92
C SER A 288 17.88 36.42 8.83
N VAL A 289 16.87 37.12 8.36
CA VAL A 289 16.03 36.66 7.29
C VAL A 289 16.80 36.57 5.99
N SER A 290 17.93 37.26 5.88
CA SER A 290 18.71 37.17 4.69
C SER A 290 19.36 35.80 4.55
N GLU A 291 19.61 35.15 5.67
CA GLU A 291 20.29 33.88 5.61
C GLU A 291 19.29 32.80 5.39
N ILE A 292 18.15 33.02 6.02
CA ILE A 292 17.06 32.10 5.88
C ILE A 292 16.61 32.13 4.44
N THR A 293 16.52 33.33 3.89
CA THR A 293 16.16 33.52 2.50
C THR A 293 17.14 32.78 1.63
N ASN A 294 18.43 32.86 1.91
CA ASN A 294 19.38 32.10 1.11
C ASN A 294 19.11 30.60 1.15
N ALA A 295 18.85 30.09 2.35
CA ALA A 295 18.54 28.67 2.54
C ALA A 295 17.36 28.23 1.69
N CYS A 296 16.39 29.11 1.48
CA CYS A 296 15.25 28.78 0.63
C CYS A 296 15.60 28.47 -0.81
N PHE A 297 16.71 29.00 -1.30
CA PHE A 297 17.14 28.75 -2.67
C PHE A 297 18.09 27.58 -2.69
N GLU A 298 18.70 27.30 -1.55
CA GLU A 298 19.56 26.14 -1.45
C GLU A 298 18.79 24.86 -1.78
N PRO A 299 19.30 24.00 -2.68
CA PRO A 299 18.69 22.75 -3.09
C PRO A 299 18.36 21.84 -1.94
N GLY A 300 19.20 21.87 -0.92
CA GLY A 300 19.03 21.09 0.27
C GLY A 300 17.72 21.34 1.04
N ASN A 301 17.01 22.44 0.77
CA ASN A 301 15.75 22.68 1.46
C ASN A 301 14.53 22.57 0.56
N GLN A 302 14.71 22.02 -0.64
CA GLN A 302 13.62 21.96 -1.63
C GLN A 302 12.43 21.04 -1.45
N MET A 303 12.47 19.99 -0.65
CA MET A 303 11.29 19.12 -0.52
C MET A 303 10.70 18.56 -1.83
N VAL A 304 11.55 18.46 -2.87
CA VAL A 304 11.20 17.92 -4.17
C VAL A 304 12.50 17.50 -4.81
N LYS A 305 12.51 16.30 -5.38
CA LYS A 305 13.72 15.78 -5.98
C LYS A 305 13.99 16.29 -7.39
N CYS A 306 14.44 17.54 -7.48
CA CYS A 306 14.79 18.13 -8.76
C CYS A 306 15.90 19.14 -8.54
N ASP A 307 16.47 19.64 -9.63
CA ASP A 307 17.56 20.60 -9.54
C ASP A 307 17.16 22.03 -9.88
N PRO A 308 16.85 22.88 -8.90
CA PRO A 308 16.40 24.23 -9.14
C PRO A 308 17.45 25.09 -9.80
N ARG A 309 18.72 24.71 -9.69
CA ARG A 309 19.80 25.47 -10.28
C ARG A 309 19.81 25.27 -11.78
N ASP A 310 19.32 24.13 -12.22
CA ASP A 310 19.23 23.82 -13.63
C ASP A 310 18.13 24.66 -14.23
N GLY A 311 17.01 24.71 -13.50
CA GLY A 311 15.86 25.47 -13.93
C GLY A 311 16.05 26.99 -13.91
N LYS A 312 15.18 27.67 -14.65
CA LYS A 312 15.17 29.12 -14.69
C LYS A 312 14.01 29.64 -13.91
N TYR A 313 14.16 30.86 -13.47
CA TYR A 313 13.18 31.52 -12.64
C TYR A 313 11.95 32.05 -13.31
N MET A 314 10.85 31.57 -12.79
CA MET A 314 9.56 32.08 -13.17
C MET A 314 9.13 32.70 -11.87
N ALA A 315 7.93 33.20 -11.79
CA ALA A 315 7.49 33.85 -10.57
C ALA A 315 7.66 32.98 -9.33
N THR A 316 7.88 33.68 -8.23
CA THR A 316 8.08 33.05 -6.94
C THR A 316 7.46 33.82 -5.80
N CYS A 317 7.37 33.16 -4.67
CA CYS A 317 6.80 33.77 -3.49
C CYS A 317 7.55 33.44 -2.25
N LEU A 318 7.79 34.46 -1.46
CA LEU A 318 8.52 34.29 -0.23
C LEU A 318 7.64 34.72 0.92
N LEU A 319 7.10 33.77 1.66
CA LEU A 319 6.27 34.12 2.78
C LEU A 319 7.11 34.08 4.02
N TYR A 320 6.99 35.09 4.85
CA TYR A 320 7.76 35.16 6.07
C TYR A 320 6.85 35.21 7.28
N ARG A 321 7.27 34.55 8.33
CA ARG A 321 6.56 34.58 9.57
C ARG A 321 7.38 35.07 10.71
N GLY A 322 6.72 35.74 11.64
CA GLY A 322 7.39 36.15 12.87
C GLY A 322 8.04 37.51 12.83
N ASP A 323 9.17 37.61 13.50
CA ASP A 323 9.91 38.86 13.64
C ASP A 323 10.69 39.25 12.40
N VAL A 324 9.97 39.73 11.40
CA VAL A 324 10.56 40.09 10.12
C VAL A 324 10.37 41.53 9.67
N VAL A 325 11.47 42.15 9.28
CA VAL A 325 11.50 43.50 8.76
C VAL A 325 11.37 43.50 7.24
N THR A 326 10.43 44.29 6.74
CA THR A 326 10.16 44.31 5.31
C THR A 326 11.29 44.85 4.50
N ARG A 327 12.08 45.72 5.10
CA ARG A 327 13.23 46.24 4.42
C ARG A 327 14.26 45.17 4.22
N ASP A 328 14.49 44.40 5.26
CA ASP A 328 15.48 43.36 5.21
C ASP A 328 15.14 42.30 4.20
N VAL A 329 13.87 41.95 4.08
CA VAL A 329 13.62 40.95 3.08
C VAL A 329 13.74 41.53 1.69
N GLN A 330 13.51 42.83 1.50
CA GLN A 330 13.75 43.39 0.19
C GLN A 330 15.22 43.32 -0.16
N ARG A 331 16.06 43.63 0.83
CA ARG A 331 17.49 43.60 0.66
C ARG A 331 17.97 42.21 0.31
N ALA A 332 17.43 41.22 1.03
CA ALA A 332 17.75 39.84 0.81
C ALA A 332 17.42 39.44 -0.60
N VAL A 333 16.23 39.78 -1.05
CA VAL A 333 15.85 39.46 -2.41
C VAL A 333 16.77 40.05 -3.44
N GLU A 334 17.16 41.29 -3.24
CA GLU A 334 18.05 41.93 -4.17
C GLU A 334 19.34 41.14 -4.31
N GLN A 335 19.88 40.74 -3.16
CA GLN A 335 21.09 39.95 -3.12
C GLN A 335 20.92 38.64 -3.83
N VAL A 336 19.77 38.00 -3.62
CA VAL A 336 19.51 36.76 -4.31
C VAL A 336 19.45 36.93 -5.80
N LYS A 337 18.81 37.98 -6.29
CA LYS A 337 18.76 38.18 -7.72
C LYS A 337 20.16 38.31 -8.29
N ASN A 338 21.04 38.96 -7.54
CA ASN A 338 22.42 39.13 -7.96
C ASN A 338 23.26 37.87 -7.98
N LYS A 339 22.73 36.73 -7.51
CA LYS A 339 23.44 35.47 -7.57
C LYS A 339 23.41 34.93 -8.99
N LYS A 340 22.42 35.35 -9.76
CA LYS A 340 22.21 34.92 -11.14
C LYS A 340 21.90 33.43 -11.30
N THR A 341 21.49 32.78 -10.21
CA THR A 341 21.08 31.39 -10.23
C THR A 341 19.62 31.57 -10.56
N VAL A 342 18.91 30.49 -10.91
CA VAL A 342 17.52 30.55 -11.38
C VAL A 342 17.38 31.83 -12.16
N GLN A 343 18.02 31.84 -13.32
CA GLN A 343 18.03 33.02 -14.16
C GLN A 343 16.65 33.60 -14.32
N LEU A 344 16.51 34.87 -13.96
CA LEU A 344 15.21 35.52 -14.02
C LEU A 344 14.82 35.72 -15.45
N VAL A 345 13.74 35.07 -15.85
CA VAL A 345 13.35 35.26 -17.24
C VAL A 345 12.72 36.63 -17.39
N ASP A 346 12.86 37.15 -18.61
CA ASP A 346 12.39 38.47 -19.01
C ASP A 346 10.92 38.72 -18.77
N TRP A 347 10.16 37.64 -18.81
CA TRP A 347 8.72 37.63 -18.67
C TRP A 347 8.22 38.07 -17.32
N CYS A 348 9.08 38.16 -16.31
CA CYS A 348 8.54 38.57 -15.03
C CYS A 348 8.56 40.10 -14.82
N PRO A 349 9.66 40.84 -14.92
CA PRO A 349 11.05 40.51 -15.13
C PRO A 349 11.63 40.09 -13.79
N THR A 350 11.00 40.61 -12.73
CA THR A 350 11.27 40.19 -11.37
C THR A 350 9.89 39.85 -10.89
N GLY A 351 9.73 38.88 -10.02
CA GLY A 351 8.39 38.58 -9.53
C GLY A 351 8.46 37.88 -8.21
N PHE A 352 8.78 38.62 -7.17
CA PHE A 352 8.90 38.06 -5.85
C PHE A 352 7.77 38.54 -4.99
N LYS A 353 6.74 37.73 -4.85
CA LYS A 353 5.67 38.19 -4.00
C LYS A 353 6.12 38.09 -2.58
N ILE A 354 6.13 39.20 -1.88
CA ILE A 354 6.55 39.09 -0.50
C ILE A 354 5.37 39.08 0.45
N GLY A 355 5.31 38.09 1.32
CA GLY A 355 4.23 38.04 2.28
C GLY A 355 4.83 38.14 3.65
N ILE A 356 4.30 39.02 4.48
CA ILE A 356 4.83 39.21 5.81
C ILE A 356 3.80 39.04 6.88
N CYS A 357 3.82 37.92 7.55
CA CYS A 357 2.88 37.63 8.63
C CYS A 357 3.55 37.78 9.97
N TYR A 358 2.91 38.50 10.87
CA TYR A 358 3.54 38.76 12.15
C TYR A 358 3.68 37.55 13.05
N GLU A 359 2.75 36.61 12.93
CA GLU A 359 2.72 35.41 13.75
C GLU A 359 3.94 34.51 13.69
N PRO A 360 4.67 34.33 14.80
CA PRO A 360 5.82 33.47 14.87
C PRO A 360 5.48 32.02 14.60
N PRO A 361 6.38 31.27 13.97
CA PRO A 361 6.31 29.85 13.76
C PRO A 361 6.23 29.04 15.04
N THR A 362 5.70 27.84 14.93
CA THR A 362 5.63 26.95 16.08
C THR A 362 5.72 25.52 15.58
N ALA A 363 6.20 24.63 16.45
CA ALA A 363 6.32 23.22 16.15
C ALA A 363 5.64 22.43 17.25
N THR A 364 5.04 21.30 16.89
CA THR A 364 4.36 20.52 17.90
C THR A 364 5.44 19.69 18.57
N PRO A 365 5.17 19.12 19.75
CA PRO A 365 6.06 18.23 20.46
C PRO A 365 6.49 16.97 19.70
N ASN A 366 5.83 16.66 18.58
CA ASN A 366 6.14 15.48 17.82
C ASN A 366 7.28 15.73 16.84
N SER A 367 7.66 17.00 16.67
CA SER A 367 8.75 17.37 15.79
C SER A 367 9.97 17.76 16.58
N GLN A 368 11.13 17.35 16.10
CA GLN A 368 12.36 17.71 16.77
C GLN A 368 13.02 18.90 16.09
N LEU A 369 12.27 19.54 15.19
CA LEU A 369 12.71 20.75 14.51
C LEU A 369 12.46 21.85 15.54
N ALA A 370 13.52 22.56 15.91
CA ALA A 370 13.47 23.61 16.90
C ALA A 370 12.51 24.74 16.57
N THR A 371 11.83 25.27 17.59
CA THR A 371 10.95 26.39 17.29
C THR A 371 11.82 27.61 17.07
N VAL A 372 11.34 28.52 16.25
CA VAL A 372 12.07 29.73 15.90
C VAL A 372 11.16 30.94 15.96
N ASP A 373 11.77 32.12 16.00
CA ASP A 373 10.97 33.33 16.03
C ASP A 373 10.68 33.86 14.63
N ARG A 374 11.08 33.12 13.59
CA ARG A 374 10.78 33.55 12.25
C ARG A 374 11.01 32.43 11.25
N ALA A 375 10.26 32.41 10.17
CA ALA A 375 10.46 31.33 9.20
C ALA A 375 10.03 31.68 7.81
N VAL A 376 10.51 30.89 6.85
CA VAL A 376 10.20 31.18 5.47
C VAL A 376 9.69 30.04 4.61
N CYS A 377 8.63 30.35 3.90
CA CYS A 377 8.05 29.41 2.97
C CYS A 377 8.22 29.93 1.57
N MET A 378 8.81 29.12 0.72
CA MET A 378 9.03 29.55 -0.64
C MET A 378 8.26 28.80 -1.67
N LEU A 379 7.64 29.52 -2.60
CA LEU A 379 6.95 28.85 -3.69
C LEU A 379 7.60 29.20 -5.00
N SER A 380 7.68 28.26 -5.94
CA SER A 380 8.26 28.66 -7.21
C SER A 380 7.94 27.87 -8.44
N ASN A 381 7.78 28.57 -9.55
CA ASN A 381 7.51 27.86 -10.80
C ASN A 381 8.73 27.56 -11.65
N THR A 382 9.93 27.60 -11.05
CA THR A 382 11.20 27.29 -11.68
C THR A 382 11.15 26.13 -12.66
N THR A 383 11.75 26.30 -13.84
CA THR A 383 11.60 25.30 -14.90
C THR A 383 12.18 23.89 -14.70
N SER A 384 12.75 23.59 -13.53
CA SER A 384 13.34 22.29 -13.26
C SER A 384 12.39 21.10 -13.30
N ILE A 385 11.11 21.26 -13.02
CA ILE A 385 9.82 20.61 -12.84
C ILE A 385 9.49 19.64 -13.93
N ALA A 386 9.73 20.02 -15.18
CA ALA A 386 9.44 19.09 -16.25
C ALA A 386 10.29 17.84 -16.15
N GLU A 387 11.42 17.87 -15.42
CA GLU A 387 12.23 16.68 -15.31
C GLU A 387 11.54 15.63 -14.46
N ALA A 388 10.71 16.07 -13.52
CA ALA A 388 9.99 15.14 -12.68
C ALA A 388 8.96 14.45 -13.55
N TRP A 389 8.36 15.23 -14.43
CA TRP A 389 7.40 14.68 -15.35
C TRP A 389 8.05 13.71 -16.30
N LYS A 390 9.26 14.02 -16.77
CA LYS A 390 9.95 13.12 -17.66
C LYS A 390 10.26 11.81 -17.01
N ARG A 391 10.68 11.87 -15.75
CA ARG A 391 11.02 10.69 -15.01
C ARG A 391 9.87 9.74 -14.90
N ILE A 392 8.73 10.25 -14.45
CA ILE A 392 7.61 9.36 -14.31
C ILE A 392 7.09 8.92 -15.66
N ASP A 393 7.26 9.74 -16.70
CA ASP A 393 6.79 9.33 -17.99
C ASP A 393 7.64 8.21 -18.53
N ARG A 394 8.93 8.17 -18.23
CA ARG A 394 9.71 7.02 -18.70
C ARG A 394 9.27 5.74 -18.05
N LYS A 395 8.92 5.82 -16.78
CA LYS A 395 8.48 4.63 -16.11
C LYS A 395 7.18 4.15 -16.75
N PHE A 396 6.30 5.11 -17.03
CA PHE A 396 5.04 4.84 -17.69
C PHE A 396 5.27 4.16 -19.02
N ASP A 397 6.21 4.71 -19.80
CA ASP A 397 6.52 4.16 -21.10
C ASP A 397 6.98 2.73 -21.11
N LEU A 398 7.88 2.38 -20.22
CA LEU A 398 8.36 1.00 -20.21
C LEU A 398 7.26 0.02 -19.95
N MET A 399 6.43 0.37 -18.98
CA MET A 399 5.34 -0.50 -18.62
C MET A 399 4.33 -0.60 -19.71
N TYR A 400 3.88 0.55 -20.19
CA TYR A 400 2.86 0.62 -21.20
C TYR A 400 3.26 -0.06 -22.48
N ALA A 401 4.53 0.06 -22.86
CA ALA A 401 5.05 -0.63 -24.04
C ALA A 401 4.78 -2.13 -23.94
N LYS A 402 5.01 -2.71 -22.76
CA LYS A 402 4.70 -4.13 -22.60
C LYS A 402 3.27 -4.37 -22.18
N ARG A 403 2.57 -3.31 -21.78
CA ARG A 403 1.20 -3.30 -21.33
C ARG A 403 1.20 -3.87 -19.93
N ALA A 404 1.32 -5.18 -19.87
CA ALA A 404 1.39 -5.89 -18.61
C ALA A 404 0.25 -5.46 -17.71
N PHE A 405 0.56 -4.64 -16.72
CA PHE A 405 -0.34 -4.22 -15.68
C PHE A 405 -1.57 -3.48 -16.17
N VAL A 406 -1.56 -3.03 -17.43
CA VAL A 406 -2.70 -2.42 -18.10
C VAL A 406 -3.96 -3.23 -17.89
N HIS A 407 -3.79 -4.55 -17.89
CA HIS A 407 -4.78 -5.55 -17.59
C HIS A 407 -5.69 -5.25 -16.42
N TRP A 408 -5.10 -4.78 -15.33
CA TRP A 408 -5.85 -4.51 -14.12
C TRP A 408 -6.75 -3.30 -14.20
N TYR A 409 -6.55 -2.45 -15.19
CA TYR A 409 -7.32 -1.24 -15.34
C TYR A 409 -8.34 -1.40 -16.42
N VAL A 410 -7.88 -1.92 -17.55
CA VAL A 410 -8.75 -2.12 -18.67
C VAL A 410 -9.84 -3.06 -18.30
N GLY A 411 -9.47 -4.15 -17.63
CA GLY A 411 -10.42 -5.14 -17.17
C GLY A 411 -11.50 -4.60 -16.23
N GLU A 412 -11.38 -3.37 -15.73
CA GLU A 412 -12.40 -2.85 -14.87
C GLU A 412 -12.70 -1.39 -15.16
N GLY A 413 -13.36 -1.19 -16.29
CA GLY A 413 -13.79 0.13 -16.71
C GLY A 413 -12.83 1.00 -17.53
N MET A 414 -11.67 0.51 -18.01
CA MET A 414 -10.86 1.45 -18.78
C MET A 414 -10.51 1.01 -20.19
N GLU A 415 -9.86 1.92 -20.91
CA GLU A 415 -9.45 1.73 -22.28
C GLU A 415 -8.01 2.15 -22.52
N GLU A 416 -7.27 1.38 -23.31
CA GLU A 416 -5.87 1.72 -23.58
C GLU A 416 -5.69 3.10 -24.20
N GLY A 417 -6.66 3.54 -24.99
CA GLY A 417 -6.67 4.88 -25.56
C GLY A 417 -6.63 5.94 -24.46
N GLU A 418 -7.23 5.67 -23.30
CA GLU A 418 -7.23 6.60 -22.19
C GLU A 418 -5.83 6.73 -21.65
N PHE A 419 -5.13 5.60 -21.60
CA PHE A 419 -3.75 5.66 -21.14
C PHE A 419 -2.90 6.46 -22.11
N THR A 420 -3.19 6.30 -23.39
CA THR A 420 -2.47 7.03 -24.41
C THR A 420 -2.68 8.52 -24.26
N GLU A 421 -3.93 8.92 -24.12
CA GLU A 421 -4.25 10.33 -23.98
C GLU A 421 -3.67 10.95 -22.73
N ALA A 422 -3.68 10.22 -21.62
CA ALA A 422 -3.09 10.75 -20.41
C ALA A 422 -1.64 11.07 -20.66
N ARG A 423 -0.94 10.12 -21.28
CA ARG A 423 0.46 10.35 -21.60
C ARG A 423 0.66 11.55 -22.47
N GLU A 424 -0.18 11.69 -23.50
CA GLU A 424 -0.09 12.80 -24.41
C GLU A 424 -0.22 14.14 -23.73
N ASP A 425 -1.17 14.25 -22.82
CA ASP A 425 -1.33 15.49 -22.10
C ASP A 425 -0.13 15.79 -21.25
N LEU A 426 0.42 14.77 -20.59
CA LEU A 426 1.60 14.99 -19.80
C LEU A 426 2.74 15.48 -20.65
N ALA A 427 2.94 14.82 -21.79
CA ALA A 427 3.99 15.20 -22.73
C ALA A 427 3.80 16.63 -23.19
N ALA A 428 2.56 17.00 -23.49
CA ALA A 428 2.24 18.35 -23.93
C ALA A 428 2.64 19.34 -22.87
N LEU A 429 2.37 19.02 -21.60
CA LEU A 429 2.79 19.91 -20.54
C LEU A 429 4.27 20.04 -20.46
N GLU A 430 4.99 18.94 -20.63
CA GLU A 430 6.44 19.05 -20.55
C GLU A 430 6.92 20.04 -21.58
N ARG A 431 6.39 19.90 -22.79
CA ARG A 431 6.76 20.80 -23.86
C ARG A 431 6.40 22.26 -23.62
N ASP A 432 5.12 22.58 -23.35
CA ASP A 432 4.70 23.96 -23.11
C ASP A 432 5.46 24.59 -21.98
N TYR A 433 5.55 23.84 -20.89
CA TYR A 433 6.22 24.27 -19.69
C TYR A 433 7.65 24.61 -19.98
N ILE A 434 8.33 23.79 -20.78
CA ILE A 434 9.67 24.17 -21.17
C ILE A 434 9.71 25.39 -22.07
N GLU A 435 8.83 25.47 -23.07
CA GLU A 435 8.84 26.58 -24.03
C GLU A 435 8.73 27.96 -23.42
N VAL A 436 7.86 28.12 -22.42
CA VAL A 436 7.75 29.44 -21.81
C VAL A 436 9.00 29.89 -21.06
N GLY A 437 9.95 28.99 -20.82
CA GLY A 437 11.19 29.38 -20.17
C GLY A 437 12.26 29.42 -21.25
N ALA A 438 12.18 28.46 -22.18
CA ALA A 438 13.11 28.28 -23.30
C ALA A 438 13.22 29.52 -24.17
N ASP A 439 12.12 30.23 -24.37
CA ASP A 439 12.12 31.47 -25.13
C ASP A 439 13.10 32.55 -24.66
N SER A 440 13.54 32.53 -23.40
CA SER A 440 14.50 33.51 -22.91
C SER A 440 15.01 33.11 -21.52
N MET B 1 -11.71 -6.70 1.90
CA MET B 1 -12.54 -6.83 3.09
C MET B 1 -11.75 -7.47 4.23
N ARG B 2 -12.42 -7.67 5.37
CA ARG B 2 -11.80 -8.27 6.55
C ARG B 2 -12.21 -9.71 6.77
N GLU B 3 -13.48 -10.05 6.61
CA GLU B 3 -13.93 -11.42 6.80
C GLU B 3 -13.52 -12.28 5.62
N ILE B 4 -12.65 -13.26 5.87
CA ILE B 4 -12.15 -14.16 4.84
C ILE B 4 -12.34 -15.59 5.33
N ILE B 5 -12.82 -16.45 4.44
CA ILE B 5 -13.05 -17.86 4.75
C ILE B 5 -11.79 -18.64 4.43
N HIS B 6 -11.38 -19.50 5.35
CA HIS B 6 -10.17 -20.32 5.20
C HIS B 6 -10.61 -21.77 4.96
N ILE B 7 -10.81 -22.11 3.69
CA ILE B 7 -11.20 -23.47 3.34
C ILE B 7 -9.99 -24.40 3.48
N SER B 8 -10.27 -25.63 3.90
CA SER B 8 -9.23 -26.64 4.09
C SER B 8 -9.64 -27.93 3.38
N THR B 9 -8.67 -28.55 2.71
CA THR B 9 -8.91 -29.79 1.99
C THR B 9 -7.59 -30.51 1.80
N GLY B 10 -7.66 -31.84 1.77
CA GLY B 10 -6.50 -32.67 1.60
C GLY B 10 -5.91 -33.13 2.92
N GLN B 11 -5.12 -34.20 2.84
CA GLN B 11 -4.49 -34.74 4.04
C GLN B 11 -3.52 -33.75 4.66
N CYS B 12 -2.93 -32.87 3.85
CA CYS B 12 -2.01 -31.86 4.35
C CYS B 12 -2.71 -30.56 4.71
N GLY B 13 -3.92 -30.32 4.18
CA GLY B 13 -4.62 -29.10 4.52
C GLY B 13 -4.99 -29.01 5.98
N ASN B 14 -5.60 -30.07 6.51
CA ASN B 14 -5.96 -30.08 7.93
C ASN B 14 -4.74 -30.00 8.82
N GLN B 15 -3.63 -30.65 8.40
CA GLN B 15 -2.40 -30.56 9.17
C GLN B 15 -1.88 -29.14 9.21
N ILE B 16 -1.72 -28.51 8.05
CA ILE B 16 -1.27 -27.12 8.01
C ILE B 16 -2.32 -26.21 8.63
N GLY B 17 -3.59 -26.56 8.51
CA GLY B 17 -4.64 -25.74 9.11
C GLY B 17 -4.58 -25.75 10.62
N ALA B 18 -4.34 -26.93 11.22
CA ALA B 18 -4.25 -27.02 12.67
C ALA B 18 -3.13 -26.14 13.20
N ALA B 19 -1.98 -26.13 12.52
CA ALA B 19 -0.88 -25.27 12.93
C ALA B 19 -1.15 -23.81 12.57
N PHE B 20 -1.95 -23.56 11.53
CA PHE B 20 -2.26 -22.19 11.15
C PHE B 20 -3.04 -21.49 12.26
N TRP B 21 -4.19 -22.06 12.66
CA TRP B 21 -4.98 -21.46 13.72
C TRP B 21 -4.22 -21.43 15.04
N GLU B 22 -3.30 -22.38 15.24
CA GLU B 22 -2.51 -22.39 16.47
C GLU B 22 -1.65 -21.14 16.58
N THR B 23 -1.20 -20.59 15.45
CA THR B 23 -0.39 -19.37 15.46
C THR B 23 -1.26 -18.12 15.42
N ILE B 24 -2.35 -18.14 14.66
CA ILE B 24 -3.23 -16.98 14.59
C ILE B 24 -3.85 -16.70 15.96
N CYS B 25 -4.30 -17.75 16.65
CA CYS B 25 -4.87 -17.58 17.98
C CYS B 25 -3.84 -17.12 19.00
N GLY B 26 -2.56 -17.36 18.74
CA GLY B 26 -1.53 -16.93 19.69
C GLY B 26 -1.18 -15.46 19.58
N GLU B 27 -1.37 -14.86 18.41
CA GLU B 27 -1.08 -13.45 18.21
C GLU B 27 -1.97 -12.59 19.09
N HIS B 28 -3.27 -12.57 18.79
CA HIS B 28 -4.22 -11.78 19.57
C HIS B 28 -4.67 -12.48 20.85
N GLY B 29 -4.18 -13.69 21.11
CA GLY B 29 -4.56 -14.41 22.31
C GLY B 29 -5.99 -14.90 22.27
N LEU B 30 -6.17 -16.21 22.13
CA LEU B 30 -7.51 -16.79 22.07
C LEU B 30 -7.38 -18.27 22.41
N ASP B 31 -7.87 -18.66 23.58
CA ASP B 31 -7.78 -20.05 24.00
C ASP B 31 -8.60 -20.94 23.07
N PHE B 32 -8.20 -22.21 22.97
CA PHE B 32 -8.89 -23.14 22.10
C PHE B 32 -10.34 -23.35 22.51
N ASN B 33 -10.70 -23.02 23.75
CA ASN B 33 -12.08 -23.14 24.21
C ASN B 33 -12.96 -22.00 23.74
N GLY B 34 -12.40 -21.01 23.04
CA GLY B 34 -13.17 -19.89 22.58
C GLY B 34 -13.29 -18.74 23.56
N THR B 35 -12.26 -18.51 24.37
CA THR B 35 -12.27 -17.45 25.36
C THR B 35 -11.48 -16.25 24.84
N TYR B 36 -11.95 -15.05 25.18
CA TYR B 36 -11.28 -13.83 24.76
C TYR B 36 -10.11 -13.52 25.66
N HIS B 37 -8.98 -13.14 25.06
CA HIS B 37 -7.78 -12.78 25.80
C HIS B 37 -7.02 -11.65 25.12
N GLY B 38 -7.73 -10.76 24.44
CA GLY B 38 -7.07 -9.66 23.76
C GLY B 38 -6.72 -8.53 24.70
N HIS B 39 -5.67 -7.80 24.36
CA HIS B 39 -5.21 -6.67 25.15
C HIS B 39 -4.65 -5.56 24.27
N ASP B 40 -5.52 -4.78 23.61
CA ASP B 40 -6.97 -4.94 23.70
C ASP B 40 -7.64 -4.48 22.41
N ASP B 41 -7.52 -3.18 22.12
CA ASP B 41 -8.14 -2.63 20.91
C ASP B 41 -7.63 -3.33 19.66
N ILE B 42 -6.30 -3.37 19.48
CA ILE B 42 -5.72 -4.02 18.32
C ILE B 42 -6.02 -5.51 18.31
N GLN B 43 -6.29 -6.10 19.47
CA GLN B 43 -6.61 -7.52 19.59
C GLN B 43 -8.11 -7.75 19.79
N LYS B 44 -8.94 -6.77 19.43
CA LYS B 44 -10.38 -6.91 19.58
C LYS B 44 -11.12 -6.33 18.38
N GLU B 45 -10.62 -5.21 17.86
CA GLU B 45 -11.26 -4.56 16.72
C GLU B 45 -11.02 -5.28 15.41
N ARG B 46 -10.20 -6.34 15.41
CA ARG B 46 -9.90 -7.09 14.19
C ARG B 46 -9.94 -8.58 14.47
N LEU B 47 -10.92 -9.02 15.24
CA LEU B 47 -11.10 -10.44 15.52
C LEU B 47 -12.04 -11.12 14.53
N ASN B 48 -12.86 -10.35 13.82
CA ASN B 48 -13.78 -10.91 12.83
C ASN B 48 -13.09 -11.28 11.53
N VAL B 49 -11.77 -11.13 11.44
CA VAL B 49 -11.07 -11.48 10.21
C VAL B 49 -11.23 -12.95 9.90
N TYR B 50 -11.40 -13.78 10.93
CA TYR B 50 -11.62 -15.21 10.73
C TYR B 50 -12.63 -15.82 11.69
N PHE B 51 -12.87 -15.24 12.86
CA PHE B 51 -13.78 -15.79 13.85
C PHE B 51 -15.13 -15.06 13.81
N ASN B 52 -16.07 -15.57 14.59
CA ASN B 52 -17.41 -15.00 14.69
C ASN B 52 -17.79 -14.91 16.16
N GLU B 53 -18.45 -13.80 16.52
CA GLU B 53 -18.88 -13.57 17.90
C GLU B 53 -20.22 -14.29 18.11
N ALA B 54 -20.13 -15.58 18.45
CA ALA B 54 -21.31 -16.39 18.68
C ALA B 54 -21.85 -16.10 20.08
N SER B 55 -22.73 -16.96 20.58
CA SER B 55 -23.31 -16.76 21.91
C SER B 55 -22.24 -16.94 22.98
N SER B 56 -22.42 -16.24 24.10
CA SER B 56 -21.50 -16.31 25.24
C SER B 56 -20.10 -15.89 24.84
N GLY B 57 -19.98 -15.05 23.81
CA GLY B 57 -18.68 -14.59 23.37
C GLY B 57 -17.75 -15.69 22.93
N LYS B 58 -18.29 -16.83 22.50
CA LYS B 58 -17.48 -17.96 22.07
C LYS B 58 -17.06 -17.74 20.62
N TRP B 59 -15.77 -17.52 20.40
CA TRP B 59 -15.23 -17.29 19.07
C TRP B 59 -14.89 -18.60 18.39
N VAL B 60 -15.32 -18.75 17.14
CA VAL B 60 -15.04 -19.96 16.36
C VAL B 60 -14.60 -19.53 14.96
N PRO B 61 -13.54 -20.11 14.42
CA PRO B 61 -13.08 -19.71 13.08
C PRO B 61 -14.01 -20.20 11.98
N ARG B 62 -13.86 -19.60 10.81
CA ARG B 62 -14.66 -19.95 9.63
C ARG B 62 -13.78 -20.80 8.72
N SER B 63 -13.87 -22.11 8.88
CA SER B 63 -13.09 -23.04 8.08
C SER B 63 -13.93 -24.28 7.79
N ILE B 64 -13.89 -24.74 6.54
CA ILE B 64 -14.67 -25.90 6.12
C ILE B 64 -13.71 -27.04 5.80
N ASN B 65 -13.39 -27.84 6.83
CA ASN B 65 -12.50 -28.98 6.64
C ASN B 65 -13.23 -30.09 5.89
N VAL B 66 -12.67 -30.51 4.76
CA VAL B 66 -13.27 -31.54 3.93
C VAL B 66 -12.18 -32.53 3.53
N ASP B 67 -12.51 -33.81 3.58
CA ASP B 67 -11.58 -34.87 3.21
C ASP B 67 -12.33 -36.18 3.13
N LEU B 68 -11.90 -37.05 2.23
CA LEU B 68 -12.52 -38.35 2.04
C LEU B 68 -11.98 -39.41 3.00
N GLU B 69 -11.10 -39.04 3.93
CA GLU B 69 -10.52 -39.98 4.88
C GLU B 69 -10.96 -39.60 6.29
N PRO B 70 -12.04 -40.17 6.82
CA PRO B 70 -12.46 -39.81 8.19
C PRO B 70 -11.40 -40.08 9.24
N GLY B 71 -10.40 -40.91 8.95
CA GLY B 71 -9.36 -41.20 9.91
C GLY B 71 -8.41 -40.05 10.19
N THR B 72 -8.49 -38.97 9.40
CA THR B 72 -7.60 -37.83 9.60
C THR B 72 -8.18 -36.86 10.63
N ILE B 73 -9.46 -36.52 10.49
CA ILE B 73 -10.08 -35.58 11.42
C ILE B 73 -10.12 -36.16 12.83
N ASP B 74 -10.12 -37.49 12.96
CA ASP B 74 -10.17 -38.11 14.27
C ASP B 74 -8.97 -37.71 15.12
N ALA B 75 -7.83 -37.40 14.49
CA ALA B 75 -6.62 -37.00 15.20
C ALA B 75 -6.52 -35.49 15.37
N VAL B 76 -7.65 -34.79 15.42
CA VAL B 76 -7.66 -33.34 15.58
C VAL B 76 -8.73 -32.95 16.58
N ARG B 77 -9.99 -33.24 16.25
CA ARG B 77 -11.09 -32.90 17.16
C ARG B 77 -10.98 -33.64 18.48
N ASN B 78 -10.42 -34.86 18.47
CA ASN B 78 -10.28 -35.63 19.70
C ASN B 78 -9.17 -35.07 20.57
N SER B 79 -8.03 -34.73 19.98
CA SER B 79 -6.90 -34.18 20.72
C SER B 79 -7.07 -32.67 20.86
N ALA B 80 -5.99 -31.95 21.11
CA ALA B 80 -6.06 -30.50 21.25
C ALA B 80 -6.51 -29.86 19.95
N ILE B 81 -6.94 -28.59 20.05
CA ILE B 81 -7.40 -27.83 18.89
C ILE B 81 -8.59 -28.56 18.27
N GLY B 82 -9.77 -28.35 18.83
CA GLY B 82 -10.98 -28.99 18.32
C GLY B 82 -12.25 -28.25 18.67
N ASN B 83 -12.29 -27.69 19.89
CA ASN B 83 -13.48 -26.94 20.32
C ASN B 83 -13.71 -25.72 19.44
N LEU B 84 -12.64 -25.17 18.85
CA LEU B 84 -12.80 -24.00 17.99
C LEU B 84 -13.66 -24.32 16.78
N PHE B 85 -13.33 -25.40 16.07
CA PHE B 85 -14.09 -25.76 14.87
C PHE B 85 -15.48 -26.24 15.26
N ARG B 86 -16.47 -25.86 14.44
CA ARG B 86 -17.86 -26.28 14.66
C ARG B 86 -18.11 -27.65 14.04
N PRO B 87 -18.79 -28.56 14.72
CA PRO B 87 -18.99 -29.90 14.16
C PRO B 87 -19.79 -29.90 12.86
N ASP B 88 -20.62 -28.89 12.62
CA ASP B 88 -21.39 -28.82 11.38
C ASP B 88 -20.50 -28.61 10.17
N ASN B 89 -19.30 -28.06 10.35
CA ASN B 89 -18.39 -27.82 9.23
C ASN B 89 -17.70 -29.09 8.77
N TYR B 90 -17.67 -30.13 9.60
CA TYR B 90 -17.01 -31.37 9.23
C TYR B 90 -17.80 -32.06 8.13
N ILE B 91 -17.14 -32.34 7.01
CA ILE B 91 -17.75 -33.02 5.87
C ILE B 91 -16.77 -34.11 5.44
N PHE B 92 -17.01 -35.34 5.88
CA PHE B 92 -16.15 -36.46 5.57
C PHE B 92 -17.00 -37.68 5.23
N GLY B 93 -16.44 -38.57 4.43
CA GLY B 93 -17.16 -39.75 4.00
C GLY B 93 -16.21 -40.82 3.51
N GLN B 94 -16.71 -42.05 3.44
CA GLN B 94 -15.93 -43.18 2.97
C GLN B 94 -16.09 -43.35 1.46
N SER B 95 -15.14 -44.02 0.80
CA SER B 95 -13.94 -44.59 1.41
C SER B 95 -12.79 -43.59 1.39
N SER B 96 -12.29 -43.28 0.20
CA SER B 96 -11.18 -42.36 0.03
C SER B 96 -11.03 -42.08 -1.46
N ALA B 97 -9.98 -41.33 -1.81
CA ALA B 97 -9.71 -40.99 -3.20
C ALA B 97 -8.85 -42.03 -3.90
N GLY B 98 -7.95 -42.68 -3.19
CA GLY B 98 -7.08 -43.68 -3.78
C GLY B 98 -5.79 -43.14 -4.34
N ASN B 99 -5.37 -41.94 -3.95
CA ASN B 99 -4.13 -41.34 -4.44
C ASN B 99 -4.16 -41.19 -5.96
N VAL B 100 -5.26 -40.64 -6.47
CA VAL B 100 -5.44 -40.41 -7.89
C VAL B 100 -6.22 -39.12 -8.08
N TRP B 101 -5.90 -38.39 -9.14
CA TRP B 101 -6.57 -37.12 -9.43
C TRP B 101 -7.94 -37.32 -10.06
N ALA B 102 -8.20 -38.48 -10.68
CA ALA B 102 -9.49 -38.71 -11.33
C ALA B 102 -10.56 -39.03 -10.31
N LYS B 103 -10.43 -40.15 -9.60
CA LYS B 103 -11.43 -40.56 -8.63
C LYS B 103 -11.59 -39.53 -7.51
N GLY B 104 -10.61 -38.65 -7.32
CA GLY B 104 -10.69 -37.65 -6.26
C GLY B 104 -11.86 -36.70 -6.39
N HIS B 105 -12.45 -36.61 -7.58
CA HIS B 105 -13.58 -35.70 -7.79
C HIS B 105 -14.39 -36.10 -9.02
N TYR B 106 -13.75 -36.68 -10.02
CA TYR B 106 -14.44 -37.03 -11.26
C TYR B 106 -15.51 -38.08 -11.05
N THR B 107 -15.45 -38.84 -9.95
CA THR B 107 -16.43 -39.89 -9.69
C THR B 107 -16.84 -39.91 -8.22
N GLU B 108 -16.05 -40.59 -7.38
CA GLU B 108 -16.42 -40.74 -5.97
C GLU B 108 -16.47 -39.39 -5.28
N GLY B 109 -15.48 -38.54 -5.52
CA GLY B 109 -15.44 -37.23 -4.88
C GLY B 109 -16.56 -36.30 -5.25
N ALA B 110 -17.33 -36.61 -6.30
CA ALA B 110 -18.42 -35.77 -6.73
C ALA B 110 -19.66 -35.90 -5.85
N GLU B 111 -19.62 -36.73 -4.80
CA GLU B 111 -20.78 -36.92 -3.95
C GLU B 111 -20.87 -35.83 -2.89
N LEU B 112 -19.74 -35.43 -2.32
CA LEU B 112 -19.72 -34.42 -1.27
C LEU B 112 -19.64 -33.00 -1.80
N VAL B 113 -19.49 -32.82 -3.11
CA VAL B 113 -19.40 -31.48 -3.68
C VAL B 113 -20.69 -30.70 -3.41
N ASP B 114 -21.83 -31.39 -3.35
CA ASP B 114 -23.09 -30.71 -3.09
C ASP B 114 -23.21 -30.26 -1.64
N SER B 115 -22.54 -30.96 -0.72
CA SER B 115 -22.61 -30.59 0.69
C SER B 115 -21.66 -29.45 1.03
N VAL B 116 -20.48 -29.42 0.40
CA VAL B 116 -19.52 -28.36 0.68
C VAL B 116 -20.06 -27.01 0.25
N MET B 117 -20.70 -26.96 -0.92
CA MET B 117 -21.24 -25.70 -1.42
C MET B 117 -22.38 -25.18 -0.54
N ASP B 118 -23.11 -26.10 0.11
CA ASP B 118 -24.21 -25.68 0.97
C ASP B 118 -23.70 -24.93 2.19
N VAL B 119 -22.65 -25.46 2.84
CA VAL B 119 -22.12 -24.81 4.03
C VAL B 119 -21.43 -23.50 3.67
N ILE B 120 -20.64 -23.51 2.59
CA ILE B 120 -19.94 -22.30 2.19
C ILE B 120 -20.92 -21.22 1.74
N ARG B 121 -22.08 -21.62 1.21
CA ARG B 121 -23.06 -20.64 0.76
C ARG B 121 -23.73 -19.95 1.95
N ARG B 122 -24.12 -20.73 2.95
CA ARG B 122 -24.77 -20.14 4.12
C ARG B 122 -23.83 -19.19 4.86
N GLU B 123 -22.55 -19.58 5.00
CA GLU B 123 -21.59 -18.72 5.68
C GLU B 123 -21.35 -17.43 4.90
N ALA B 124 -21.39 -17.51 3.56
CA ALA B 124 -21.17 -16.33 2.75
C ALA B 124 -22.27 -15.29 2.96
N GLU B 125 -23.50 -15.75 3.17
CA GLU B 125 -24.61 -14.81 3.39
C GLU B 125 -24.46 -14.08 4.71
N GLY B 126 -24.22 -14.82 5.80
CA GLY B 126 -24.06 -14.19 7.10
C GLY B 126 -22.84 -13.32 7.21
N CYS B 127 -21.80 -13.58 6.42
CA CYS B 127 -20.57 -12.80 6.43
C CYS B 127 -20.73 -11.62 5.48
N ASP B 128 -20.95 -10.43 6.05
CA ASP B 128 -21.13 -9.22 5.27
C ASP B 128 -19.79 -8.51 5.03
N SER B 129 -18.79 -9.29 4.64
CA SER B 129 -17.45 -8.74 4.40
C SER B 129 -16.56 -9.77 3.72
N LEU B 130 -17.13 -10.54 2.79
CA LEU B 130 -16.36 -11.56 2.08
C LEU B 130 -15.36 -10.90 1.13
N GLN B 131 -14.23 -11.57 0.92
CA GLN B 131 -13.19 -11.06 0.03
C GLN B 131 -12.65 -12.17 -0.85
N GLY B 132 -12.19 -13.25 -0.24
CA GLY B 132 -11.63 -14.37 -0.99
C GLY B 132 -11.80 -15.70 -0.28
N PHE B 133 -11.04 -16.70 -0.70
CA PHE B 133 -11.10 -18.04 -0.11
C PHE B 133 -9.68 -18.59 -0.02
N GLN B 134 -9.18 -18.74 1.19
CA GLN B 134 -7.84 -19.29 1.40
C GLN B 134 -7.91 -20.82 1.43
N ILE B 135 -7.16 -21.46 0.54
CA ILE B 135 -7.15 -22.91 0.42
C ILE B 135 -5.72 -23.39 0.61
N THR B 136 -5.58 -24.55 1.26
CA THR B 136 -4.27 -25.14 1.51
C THR B 136 -4.36 -26.64 1.23
N HIS B 137 -3.55 -27.11 0.29
CA HIS B 137 -3.53 -28.52 -0.08
C HIS B 137 -2.24 -28.81 -0.83
N SER B 138 -2.14 -30.01 -1.38
CA SER B 138 -0.96 -30.44 -2.14
C SER B 138 -1.30 -30.52 -3.63
N LEU B 139 -0.31 -30.19 -4.46
CA LEU B 139 -0.54 -30.22 -5.90
C LEU B 139 -0.67 -31.65 -6.41
N GLY B 140 -0.03 -32.61 -5.76
CA GLY B 140 -0.09 -34.00 -6.18
C GLY B 140 -0.90 -34.86 -5.24
N GLY B 141 -1.39 -34.28 -4.15
CA GLY B 141 -2.18 -35.05 -3.19
C GLY B 141 -3.48 -35.54 -3.81
N GLY B 142 -3.94 -36.69 -3.32
CA GLY B 142 -5.16 -37.30 -3.83
C GLY B 142 -6.37 -36.39 -3.68
N THR B 143 -6.91 -36.29 -2.47
CA THR B 143 -8.07 -35.44 -2.23
C THR B 143 -7.73 -33.97 -2.36
N GLY B 144 -6.46 -33.60 -2.30
CA GLY B 144 -6.05 -32.21 -2.40
C GLY B 144 -6.05 -31.71 -3.83
N SER B 145 -5.53 -32.51 -4.75
CA SER B 145 -5.46 -32.11 -6.15
C SER B 145 -6.77 -32.37 -6.89
N GLY B 146 -7.51 -33.40 -6.49
CA GLY B 146 -8.77 -33.73 -7.15
C GLY B 146 -9.94 -32.93 -6.60
N MET B 147 -10.37 -33.28 -5.39
CA MET B 147 -11.51 -32.58 -4.79
C MET B 147 -11.18 -31.12 -4.51
N GLY B 148 -9.91 -30.80 -4.26
CA GLY B 148 -9.54 -29.42 -3.99
C GLY B 148 -9.57 -28.56 -5.23
N THR B 149 -9.15 -29.10 -6.38
CA THR B 149 -9.14 -28.33 -7.60
C THR B 149 -10.56 -28.08 -8.10
N LEU B 150 -11.43 -29.10 -8.03
CA LEU B 150 -12.80 -28.93 -8.49
C LEU B 150 -13.55 -27.91 -7.64
N LEU B 151 -13.22 -27.83 -6.35
CA LEU B 151 -13.90 -26.87 -5.48
C LEU B 151 -13.60 -25.44 -5.89
N ILE B 152 -12.42 -25.19 -6.46
CA ILE B 152 -12.09 -23.84 -6.89
C ILE B 152 -12.97 -23.40 -8.05
N SER B 153 -13.34 -24.34 -8.94
CA SER B 153 -14.19 -23.99 -10.06
C SER B 153 -15.62 -23.70 -9.62
N LYS B 154 -16.13 -24.47 -8.66
CA LYS B 154 -17.49 -24.25 -8.18
C LYS B 154 -17.61 -22.90 -7.48
N ILE B 155 -16.62 -22.55 -6.65
CA ILE B 155 -16.65 -21.26 -5.96
C ILE B 155 -16.46 -20.12 -6.94
N ARG B 156 -15.77 -20.36 -8.06
CA ARG B 156 -15.55 -19.31 -9.04
C ARG B 156 -16.85 -18.89 -9.71
N GLU B 157 -17.81 -19.82 -9.84
CA GLU B 157 -19.07 -19.47 -10.48
C GLU B 157 -19.94 -18.62 -9.57
N GLU B 158 -20.03 -18.99 -8.30
CA GLU B 158 -20.86 -18.24 -7.35
C GLU B 158 -20.14 -17.03 -6.78
N PHE B 159 -18.82 -16.97 -6.89
CA PHE B 159 -18.03 -15.85 -6.37
C PHE B 159 -16.97 -15.48 -7.39
N PRO B 160 -17.38 -14.92 -8.53
CA PRO B 160 -16.39 -14.54 -9.56
C PRO B 160 -15.58 -13.31 -9.17
N ASP B 161 -16.26 -12.27 -8.69
CA ASP B 161 -15.56 -11.04 -8.31
C ASP B 161 -14.65 -11.25 -7.13
N ARG B 162 -14.98 -12.19 -6.24
CA ARG B 162 -14.16 -12.44 -5.07
C ARG B 162 -12.82 -13.05 -5.47
N MET B 163 -11.82 -12.83 -4.61
CA MET B 163 -10.49 -13.35 -4.86
C MET B 163 -10.46 -14.87 -4.63
N MET B 164 -9.27 -15.45 -4.79
CA MET B 164 -9.12 -16.90 -4.61
C MET B 164 -7.63 -17.16 -4.34
N ALA B 165 -7.27 -17.21 -3.06
CA ALA B 165 -5.90 -17.47 -2.64
C ALA B 165 -5.73 -18.96 -2.34
N THR B 166 -4.63 -19.55 -2.81
CA THR B 166 -4.35 -20.95 -2.61
C THR B 166 -2.89 -21.13 -2.19
N PHE B 167 -2.66 -22.13 -1.34
CA PHE B 167 -1.31 -22.43 -0.87
C PHE B 167 -0.93 -23.86 -1.24
N SER B 168 -0.93 -24.16 -2.53
CA SER B 168 -0.61 -25.50 -2.99
C SER B 168 0.85 -25.84 -2.69
N VAL B 169 1.12 -27.11 -2.41
CA VAL B 169 2.45 -27.60 -2.11
C VAL B 169 2.95 -28.35 -3.33
N LEU B 170 3.98 -27.82 -3.98
CA LEU B 170 4.53 -28.45 -5.16
C LEU B 170 5.22 -29.76 -4.79
N PRO B 171 5.34 -30.70 -5.72
CA PRO B 171 6.01 -31.96 -5.43
C PRO B 171 7.52 -31.79 -5.33
N SER B 172 8.18 -32.82 -4.83
CA SER B 172 9.62 -32.82 -4.67
C SER B 172 10.26 -33.59 -5.82
N PRO B 173 10.90 -32.91 -6.80
CA PRO B 173 11.54 -33.60 -7.92
C PRO B 173 12.86 -34.28 -7.55
N LYS B 174 12.81 -35.13 -6.51
CA LYS B 174 14.00 -35.83 -6.05
C LYS B 174 13.62 -36.89 -5.02
N THR B 175 12.82 -36.49 -4.03
CA THR B 175 12.36 -37.38 -2.96
C THR B 175 10.84 -37.35 -2.95
N SER B 176 10.23 -38.09 -3.87
CA SER B 176 8.78 -38.15 -3.98
C SER B 176 8.22 -39.21 -3.04
N ASP B 177 7.09 -38.88 -2.40
CA ASP B 177 6.46 -39.81 -1.48
C ASP B 177 5.76 -40.95 -2.21
N THR B 178 5.14 -40.65 -3.35
CA THR B 178 4.44 -41.65 -4.15
C THR B 178 4.85 -41.47 -5.61
N VAL B 179 4.88 -42.60 -6.34
CA VAL B 179 5.30 -42.57 -7.74
C VAL B 179 4.27 -41.85 -8.60
N VAL B 180 3.03 -41.75 -8.14
CA VAL B 180 1.96 -41.10 -8.92
C VAL B 180 1.77 -39.67 -8.43
N GLU B 181 2.85 -39.04 -7.96
CA GLU B 181 2.78 -37.67 -7.47
C GLU B 181 2.91 -36.69 -8.63
N PRO B 182 3.84 -36.87 -9.56
CA PRO B 182 3.95 -35.92 -10.68
C PRO B 182 2.75 -35.97 -11.61
N TYR B 183 2.15 -37.15 -11.80
CA TYR B 183 1.02 -37.28 -12.72
C TYR B 183 -0.18 -36.48 -12.21
N ASN B 184 -0.48 -36.59 -10.92
CA ASN B 184 -1.61 -35.86 -10.36
C ASN B 184 -1.37 -34.36 -10.39
N ALA B 185 -0.11 -33.92 -10.40
CA ALA B 185 0.18 -32.50 -10.44
C ALA B 185 -0.05 -31.90 -11.83
N THR B 186 0.12 -32.71 -12.88
CA THR B 186 -0.07 -32.22 -14.23
C THR B 186 -1.52 -31.85 -14.50
N LEU B 187 -2.47 -32.57 -13.89
CA LEU B 187 -3.88 -32.32 -14.10
C LEU B 187 -4.43 -31.25 -13.17
N SER B 188 -3.76 -30.98 -12.04
CA SER B 188 -4.24 -29.96 -11.13
C SER B 188 -4.06 -28.56 -11.72
N VAL B 189 -2.96 -28.33 -12.43
CA VAL B 189 -2.72 -27.03 -13.05
C VAL B 189 -3.62 -26.81 -14.25
N HIS B 190 -4.21 -27.88 -14.79
CA HIS B 190 -5.09 -27.73 -15.95
C HIS B 190 -6.27 -26.83 -15.63
N GLN B 191 -6.75 -26.85 -14.39
CA GLN B 191 -7.89 -26.04 -13.98
C GLN B 191 -7.55 -25.01 -12.91
N LEU B 192 -6.36 -25.09 -12.30
CA LEU B 192 -5.99 -24.13 -11.27
C LEU B 192 -5.88 -22.73 -11.85
N VAL B 193 -5.03 -22.56 -12.88
CA VAL B 193 -4.85 -21.25 -13.48
C VAL B 193 -6.12 -20.77 -14.18
N GLU B 194 -7.03 -21.67 -14.51
CA GLU B 194 -8.27 -21.31 -15.20
C GLU B 194 -9.37 -20.86 -14.25
N HIS B 195 -9.08 -20.74 -12.95
CA HIS B 195 -10.07 -20.32 -11.98
C HIS B 195 -9.44 -19.47 -10.88
N SER B 196 -8.47 -20.04 -10.17
CA SER B 196 -7.82 -19.32 -9.08
C SER B 196 -7.12 -18.08 -9.62
N ASP B 197 -6.80 -17.17 -8.69
CA ASP B 197 -6.15 -15.91 -9.03
C ASP B 197 -4.70 -15.83 -8.55
N GLU B 198 -4.36 -16.53 -7.47
CA GLU B 198 -3.00 -16.50 -6.94
C GLU B 198 -2.73 -17.81 -6.21
N THR B 199 -1.53 -18.35 -6.40
CA THR B 199 -1.12 -19.59 -5.77
C THR B 199 0.34 -19.48 -5.35
N PHE B 200 0.63 -19.97 -4.15
CA PHE B 200 1.98 -19.93 -3.60
C PHE B 200 2.66 -21.28 -3.74
N CYS B 201 3.95 -21.25 -4.03
CA CYS B 201 4.73 -22.46 -4.22
C CYS B 201 5.37 -22.88 -2.90
N ILE B 202 5.13 -24.14 -2.50
CA ILE B 202 5.68 -24.69 -1.28
C ILE B 202 6.21 -26.09 -1.59
N ASP B 203 7.40 -26.40 -1.08
CA ASP B 203 8.03 -27.69 -1.29
C ASP B 203 8.61 -28.17 0.03
N ASN B 204 8.19 -29.37 0.46
CA ASN B 204 8.68 -29.91 1.72
C ASN B 204 10.19 -30.14 1.67
N GLU B 205 10.70 -30.61 0.53
CA GLU B 205 12.14 -30.87 0.42
C GLU B 205 12.94 -29.59 0.67
N ALA B 206 12.41 -28.45 0.25
CA ALA B 206 13.11 -27.18 0.47
C ALA B 206 13.07 -26.76 1.93
N LEU B 207 12.18 -27.34 2.74
CA LEU B 207 12.10 -26.98 4.15
C LEU B 207 13.12 -27.75 4.98
N TYR B 208 13.36 -29.01 4.65
CA TYR B 208 14.32 -29.80 5.41
C TYR B 208 15.71 -29.17 5.38
N ASP B 209 16.03 -28.44 4.31
CA ASP B 209 17.33 -27.80 4.23
C ASP B 209 17.46 -26.68 5.26
N ILE B 210 16.52 -25.74 5.24
CA ILE B 210 16.57 -24.63 6.19
C ILE B 210 16.38 -25.13 7.62
N CYS B 211 15.62 -26.21 7.80
CA CYS B 211 15.42 -26.76 9.15
C CYS B 211 16.72 -27.31 9.72
N GLN B 212 17.57 -27.91 8.89
CA GLN B 212 18.85 -28.44 9.34
C GLN B 212 20.00 -27.47 9.16
N ARG B 213 19.87 -26.48 8.28
CA ARG B 213 20.93 -25.51 8.03
C ARG B 213 20.83 -24.31 8.97
N THR B 214 19.68 -23.64 8.99
CA THR B 214 19.49 -22.46 9.82
C THR B 214 18.93 -22.81 11.19
N LEU B 215 17.76 -23.46 11.23
CA LEU B 215 17.15 -23.83 12.50
C LEU B 215 17.97 -24.87 13.26
N LYS B 216 18.88 -25.57 12.58
CA LYS B 216 19.73 -26.57 13.21
C LYS B 216 18.88 -27.67 13.85
N LEU B 217 18.05 -28.30 13.03
CA LEU B 217 17.19 -29.39 13.46
C LEU B 217 17.62 -30.67 12.75
N ASN B 218 17.87 -31.72 13.52
CA ASN B 218 18.39 -32.97 12.96
C ASN B 218 17.28 -33.82 12.35
N GLN B 219 16.16 -33.96 13.04
CA GLN B 219 15.05 -34.81 12.61
C GLN B 219 13.78 -33.98 12.55
N PRO B 220 13.56 -33.26 11.46
CA PRO B 220 12.30 -32.50 11.32
C PRO B 220 11.10 -33.42 11.31
N SER B 221 9.92 -32.80 11.43
CA SER B 221 8.67 -33.54 11.44
C SER B 221 7.58 -32.67 10.84
N TYR B 222 6.48 -33.31 10.43
CA TYR B 222 5.37 -32.59 9.83
C TYR B 222 4.82 -31.54 10.79
N GLY B 223 4.89 -31.78 12.09
CA GLY B 223 4.41 -30.80 13.05
C GLY B 223 5.22 -29.53 13.04
N ASP B 224 6.50 -29.61 12.69
CA ASP B 224 7.37 -28.44 12.62
C ASP B 224 7.32 -27.76 11.27
N LEU B 225 7.20 -28.53 10.19
CA LEU B 225 7.13 -27.93 8.86
C LEU B 225 5.89 -27.05 8.70
N ASN B 226 4.78 -27.44 9.33
CA ASN B 226 3.56 -26.63 9.23
C ASN B 226 3.74 -25.27 9.89
N ASN B 227 4.60 -25.17 10.90
CA ASN B 227 4.83 -23.89 11.55
C ASN B 227 5.46 -22.88 10.58
N LEU B 228 6.37 -23.35 9.73
CA LEU B 228 6.98 -22.45 8.75
C LEU B 228 5.95 -21.93 7.76
N VAL B 229 5.09 -22.82 7.25
CA VAL B 229 4.04 -22.38 6.34
C VAL B 229 3.04 -21.49 7.06
N SER B 230 2.77 -21.77 8.34
CA SER B 230 1.85 -20.93 9.10
C SER B 230 2.38 -19.50 9.21
N SER B 231 3.69 -19.35 9.36
CA SER B 231 4.27 -18.01 9.44
C SER B 231 4.07 -17.24 8.14
N VAL B 232 4.05 -17.92 7.00
CA VAL B 232 3.84 -17.24 5.72
C VAL B 232 2.37 -16.87 5.58
N MET B 233 1.46 -17.80 5.88
CA MET B 233 0.04 -17.51 5.77
C MET B 233 -0.36 -16.40 6.73
N SER B 234 0.23 -16.38 7.93
CA SER B 234 -0.06 -15.34 8.90
C SER B 234 0.67 -14.03 8.61
N GLY B 235 1.62 -14.03 7.67
CA GLY B 235 2.34 -12.82 7.33
C GLY B 235 1.61 -11.98 6.31
N VAL B 236 1.01 -12.64 5.31
CA VAL B 236 0.26 -11.94 4.27
C VAL B 236 -1.15 -11.70 4.77
N THR B 237 -1.28 -10.91 5.84
CA THR B 237 -2.58 -10.64 6.44
C THR B 237 -2.47 -9.65 7.60
N THR B 238 -1.27 -9.53 8.18
CA THR B 238 -1.06 -8.61 9.29
C THR B 238 -1.56 -7.21 8.94
N SER B 239 -1.34 -6.77 7.70
CA SER B 239 -1.84 -5.47 7.28
C SER B 239 -3.36 -5.39 7.42
N LEU B 240 -4.06 -6.47 7.06
CA LEU B 240 -5.51 -6.51 7.21
C LEU B 240 -5.92 -6.84 8.64
N ARG B 241 -5.06 -7.47 9.43
CA ARG B 241 -5.38 -7.81 10.80
C ARG B 241 -4.98 -6.72 11.79
N TYR B 242 -3.96 -5.93 11.48
CA TYR B 242 -3.49 -4.88 12.35
C TYR B 242 -3.11 -3.66 11.52
N PRO B 243 -3.17 -2.46 12.10
CA PRO B 243 -2.81 -1.25 11.33
C PRO B 243 -1.34 -1.18 11.01
N GLY B 244 -0.92 -0.15 10.29
CA GLY B 244 0.47 0.02 9.94
C GLY B 244 0.65 1.25 9.08
N GLN B 245 1.92 1.59 8.85
CA GLN B 245 2.24 2.76 8.02
C GLN B 245 1.82 2.56 6.58
N LEU B 246 1.81 1.32 6.11
CA LEU B 246 1.40 1.02 4.72
C LEU B 246 0.71 -0.36 4.74
N ASN B 247 -0.61 -0.33 4.92
CA ASN B 247 -1.39 -1.56 4.98
C ASN B 247 -1.63 -2.10 3.58
N SER B 248 -1.07 -3.28 3.30
CA SER B 248 -1.26 -3.91 1.99
C SER B 248 -2.58 -4.68 1.97
N ASP B 249 -2.77 -5.51 0.96
CA ASP B 249 -4.00 -6.28 0.83
C ASP B 249 -3.78 -7.37 -0.21
N LEU B 250 -4.58 -8.44 -0.09
CA LEU B 250 -4.47 -9.54 -1.04
C LEU B 250 -4.71 -9.08 -2.47
N ARG B 251 -5.60 -8.10 -2.64
CA ARG B 251 -5.87 -7.57 -3.98
C ARG B 251 -4.68 -6.78 -4.51
N LYS B 252 -4.05 -5.97 -3.66
CA LYS B 252 -2.90 -5.20 -4.09
C LYS B 252 -1.77 -6.09 -4.58
N LEU B 253 -1.72 -7.34 -4.12
CA LEU B 253 -0.69 -8.27 -4.58
C LEU B 253 -0.82 -8.50 -6.08
N ALA B 254 -1.98 -8.97 -6.52
CA ALA B 254 -2.17 -9.27 -7.94
C ALA B 254 -1.99 -8.02 -8.81
N VAL B 255 -2.33 -6.85 -8.28
CA VAL B 255 -2.17 -5.62 -9.05
C VAL B 255 -0.70 -5.31 -9.30
N ASN B 256 0.18 -5.81 -8.44
CA ASN B 256 1.62 -5.57 -8.57
C ASN B 256 2.41 -6.87 -8.69
N LEU B 257 2.22 -7.80 -7.77
CA LEU B 257 2.97 -9.05 -7.79
C LEU B 257 2.70 -9.87 -9.05
N VAL B 258 1.56 -9.67 -9.69
CA VAL B 258 1.21 -10.42 -10.90
C VAL B 258 1.26 -9.47 -12.09
N PRO B 259 2.30 -9.52 -12.93
CA PRO B 259 2.35 -8.62 -14.10
C PRO B 259 1.28 -8.93 -15.12
N PHE B 260 1.32 -10.13 -15.71
CA PHE B 260 0.35 -10.54 -16.70
C PHE B 260 -0.52 -11.68 -16.16
N PRO B 261 -1.69 -11.92 -16.78
CA PRO B 261 -2.64 -12.89 -16.21
C PRO B 261 -2.04 -14.26 -15.96
N ARG B 262 -1.52 -14.89 -17.02
CA ARG B 262 -1.03 -16.26 -16.93
C ARG B 262 0.24 -16.33 -16.08
N LEU B 263 0.13 -16.00 -14.79
CA LEU B 263 1.27 -16.07 -13.88
C LEU B 263 0.80 -15.90 -12.44
N HIS B 264 0.42 -17.01 -11.81
CA HIS B 264 -0.07 -16.99 -10.44
C HIS B 264 0.87 -17.67 -9.45
N PHE B 265 1.96 -18.27 -9.92
CA PHE B 265 2.89 -18.96 -9.06
C PHE B 265 3.83 -17.96 -8.38
N PHE B 266 3.94 -18.05 -7.06
CA PHE B 266 4.79 -17.17 -6.28
C PHE B 266 5.83 -17.99 -5.53
N MET B 267 6.85 -17.29 -5.03
CA MET B 267 7.94 -17.91 -4.26
C MET B 267 7.95 -17.26 -2.88
N VAL B 268 7.45 -17.97 -1.88
CA VAL B 268 7.37 -17.46 -0.51
C VAL B 268 8.78 -17.37 0.06
N GLY B 269 8.89 -16.88 1.30
CA GLY B 269 10.18 -16.74 1.96
C GLY B 269 10.08 -15.98 3.26
N TYR B 270 9.91 -16.70 4.37
CA TYR B 270 9.79 -16.08 5.67
C TYR B 270 11.16 -15.80 6.27
N ALA B 271 11.26 -14.74 7.04
CA ALA B 271 12.51 -14.35 7.70
C ALA B 271 12.22 -13.41 8.87
N PRO B 272 13.12 -13.39 9.87
CA PRO B 272 14.34 -14.19 9.98
C PRO B 272 14.08 -15.61 10.47
N LEU B 273 14.97 -16.54 10.13
CA LEU B 273 14.85 -17.92 10.57
C LEU B 273 15.52 -18.05 11.94
N THR B 274 14.70 -18.06 12.98
CA THR B 274 15.20 -18.14 14.36
C THR B 274 15.96 -19.43 14.58
N ALA B 275 17.29 -19.34 14.71
CA ALA B 275 18.10 -20.52 14.97
C ALA B 275 18.07 -20.86 16.45
N ILE B 276 17.73 -22.12 16.76
CA ILE B 276 17.65 -22.55 18.15
C ILE B 276 19.04 -22.50 18.76
N GLY B 277 19.19 -21.69 19.81
CA GLY B 277 20.45 -21.53 20.51
C GLY B 277 21.29 -20.36 20.02
N SER B 278 21.36 -20.19 18.70
CA SER B 278 22.14 -19.11 18.09
C SER B 278 21.30 -17.86 17.81
N GLN B 279 20.19 -17.70 18.52
CA GLN B 279 19.33 -16.53 18.34
C GLN B 279 19.72 -15.34 19.20
N SER B 280 20.45 -15.58 20.29
CA SER B 280 20.86 -14.49 21.17
C SER B 280 22.06 -13.72 20.64
N PHE B 281 22.87 -14.34 19.78
CA PHE B 281 24.05 -13.69 19.23
C PHE B 281 23.75 -12.95 17.92
N ARG B 282 22.50 -12.60 17.68
CA ARG B 282 22.09 -11.88 16.48
C ARG B 282 21.55 -10.51 16.86
N SER B 283 21.39 -9.66 15.84
CA SER B 283 20.88 -8.31 16.00
C SER B 283 19.76 -8.11 15.00
N LEU B 284 18.51 -8.29 15.44
CA LEU B 284 17.36 -8.17 14.57
C LEU B 284 17.26 -6.77 13.99
N THR B 285 17.69 -6.60 12.74
CA THR B 285 17.62 -5.31 12.06
C THR B 285 17.23 -5.54 10.61
N VAL B 286 16.77 -4.47 9.96
CA VAL B 286 16.32 -4.58 8.57
C VAL B 286 17.45 -5.00 7.64
N PRO B 287 18.66 -4.43 7.73
CA PRO B 287 19.74 -4.88 6.83
C PRO B 287 20.01 -6.37 6.91
N GLU B 288 19.79 -6.99 8.08
CA GLU B 288 20.03 -8.42 8.22
C GLU B 288 18.94 -9.25 7.55
N LEU B 289 17.72 -8.70 7.46
CA LEU B 289 16.63 -9.44 6.84
C LEU B 289 16.75 -9.43 5.32
N THR B 290 17.20 -8.32 4.74
CA THR B 290 17.34 -8.24 3.29
C THR B 290 18.29 -9.30 2.76
N GLN B 291 19.38 -9.58 3.50
CA GLN B 291 20.33 -10.58 3.06
C GLN B 291 19.77 -11.99 3.11
N GLN B 292 18.74 -12.23 3.94
CA GLN B 292 18.14 -13.54 4.06
C GLN B 292 16.97 -13.76 3.12
N MET B 293 16.19 -12.71 2.84
CA MET B 293 15.05 -12.85 1.95
C MET B 293 15.49 -13.20 0.53
N PHE B 294 16.46 -12.47 0.01
CA PHE B 294 16.97 -12.70 -1.34
C PHE B 294 17.94 -13.88 -1.41
N ASP B 295 18.18 -14.58 -0.30
CA ASP B 295 19.06 -15.73 -0.29
C ASP B 295 18.37 -16.91 -0.95
N ALA B 296 19.01 -17.48 -1.98
CA ALA B 296 18.42 -18.60 -2.70
C ALA B 296 18.28 -19.84 -1.81
N LYS B 297 19.04 -19.91 -0.71
CA LYS B 297 18.96 -21.07 0.17
C LYS B 297 17.70 -21.08 1.01
N ASN B 298 17.07 -19.91 1.22
CA ASN B 298 15.86 -19.82 2.03
C ASN B 298 14.58 -19.98 1.23
N MET B 299 14.68 -20.14 -0.09
CA MET B 299 13.50 -20.31 -0.91
C MET B 299 12.81 -21.63 -0.59
N MET B 300 11.48 -21.63 -0.67
CA MET B 300 10.66 -22.80 -0.39
C MET B 300 9.96 -23.34 -1.63
N ALA B 301 10.26 -22.79 -2.80
CA ALA B 301 9.63 -23.25 -4.04
C ALA B 301 10.24 -24.57 -4.57
N ALA B 302 11.56 -24.69 -4.68
CA ALA B 302 12.55 -23.67 -4.31
C ALA B 302 13.63 -23.59 -5.39
N ALA B 303 13.21 -23.35 -6.63
CA ALA B 303 14.16 -23.23 -7.73
C ALA B 303 15.07 -22.02 -7.51
N ASP B 304 16.34 -22.18 -7.83
CA ASP B 304 17.32 -21.11 -7.65
C ASP B 304 16.90 -19.88 -8.45
N PRO B 305 16.51 -18.78 -7.78
CA PRO B 305 16.09 -17.60 -8.53
C PRO B 305 17.24 -16.84 -9.16
N ARG B 306 18.48 -17.03 -8.68
CA ARG B 306 19.62 -16.33 -9.26
C ARG B 306 19.84 -16.73 -10.70
N ASN B 307 19.65 -18.02 -11.02
CA ASN B 307 19.85 -18.48 -12.38
C ASN B 307 18.82 -17.87 -13.33
N GLY B 308 17.62 -17.55 -12.84
CA GLY B 308 16.59 -16.96 -13.66
C GLY B 308 16.62 -15.45 -13.63
N ARG B 309 15.48 -14.84 -13.29
CA ARG B 309 15.39 -13.38 -13.23
C ARG B 309 14.13 -12.97 -12.49
N TYR B 310 14.27 -12.06 -11.52
CA TYR B 310 13.13 -11.59 -10.75
C TYR B 310 12.23 -10.72 -11.62
N LEU B 311 11.06 -10.39 -11.07
CA LEU B 311 10.09 -9.56 -11.77
C LEU B 311 9.54 -8.47 -10.86
N THR B 312 8.78 -8.88 -9.83
CA THR B 312 8.19 -7.94 -8.88
C THR B 312 8.30 -8.55 -7.49
N VAL B 313 9.26 -8.07 -6.71
CA VAL B 313 9.43 -8.55 -5.34
C VAL B 313 8.49 -7.82 -4.40
N ALA B 314 8.35 -8.35 -3.19
CA ALA B 314 7.48 -7.76 -2.19
C ALA B 314 7.95 -8.20 -0.80
N ALA B 315 7.95 -7.26 0.13
CA ALA B 315 8.33 -7.51 1.51
C ALA B 315 7.26 -7.00 2.46
N PHE B 316 7.14 -7.66 3.62
CA PHE B 316 6.13 -7.32 4.63
C PHE B 316 6.81 -7.35 6.00
N PHE B 317 7.58 -6.31 6.29
CA PHE B 317 8.27 -6.22 7.56
C PHE B 317 7.28 -6.02 8.70
N ARG B 318 7.69 -6.40 9.91
CA ARG B 318 6.86 -6.30 11.09
C ARG B 318 7.70 -5.82 12.26
N GLY B 319 7.02 -5.32 13.28
CA GLY B 319 7.70 -4.86 14.48
C GLY B 319 8.35 -3.50 14.30
N LYS B 320 9.36 -3.25 15.12
CA LYS B 320 10.09 -1.98 15.09
C LYS B 320 10.87 -1.83 13.80
N VAL B 321 10.21 -1.33 12.75
CA VAL B 321 10.83 -1.09 11.46
C VAL B 321 10.34 0.23 10.91
N SER B 322 11.27 1.06 10.43
CA SER B 322 10.92 2.36 9.89
C SER B 322 10.66 2.24 8.38
N VAL B 323 10.59 3.38 7.70
CA VAL B 323 10.33 3.39 6.26
C VAL B 323 11.62 3.35 5.47
N LYS B 324 12.60 4.18 5.84
CA LYS B 324 13.86 4.23 5.10
C LYS B 324 14.71 2.99 5.34
N GLU B 325 14.51 2.29 6.46
CA GLU B 325 15.27 1.06 6.72
C GLU B 325 15.04 0.03 5.62
N VAL B 326 13.85 0.03 5.02
CA VAL B 326 13.52 -0.90 3.95
C VAL B 326 13.77 -0.28 2.58
N GLU B 327 13.34 0.96 2.37
CA GLU B 327 13.54 1.60 1.08
C GLU B 327 15.01 1.71 0.71
N ASP B 328 15.89 1.81 1.72
CA ASP B 328 17.32 1.90 1.45
C ASP B 328 17.92 0.53 1.15
N GLU B 329 17.71 -0.43 2.05
CA GLU B 329 18.28 -1.76 1.84
C GLU B 329 17.72 -2.41 0.59
N MET B 330 16.40 -2.31 0.40
CA MET B 330 15.78 -2.91 -0.79
C MET B 330 16.25 -2.23 -2.07
N HIS B 331 16.63 -0.95 -1.98
CA HIS B 331 17.10 -0.25 -3.17
C HIS B 331 18.52 -0.67 -3.54
N LYS B 332 19.36 -0.95 -2.53
CA LYS B 332 20.73 -1.39 -2.81
C LYS B 332 20.73 -2.71 -3.57
N VAL B 333 19.76 -3.58 -3.30
CA VAL B 333 19.68 -4.86 -4.01
C VAL B 333 19.38 -4.63 -5.49
N GLN B 334 18.71 -3.53 -5.81
CA GLN B 334 18.38 -3.21 -7.20
C GLN B 334 19.59 -2.68 -7.98
N SER B 335 20.71 -2.43 -7.31
CA SER B 335 21.91 -1.91 -7.97
C SER B 335 23.00 -2.98 -8.10
N LYS B 336 23.46 -3.52 -6.97
CA LYS B 336 24.52 -4.53 -7.03
C LYS B 336 24.03 -5.79 -7.73
N ASN B 337 22.75 -6.12 -7.57
CA ASN B 337 22.15 -7.30 -8.19
C ASN B 337 21.15 -6.91 -9.26
N SER B 338 21.45 -5.84 -10.01
CA SER B 338 20.54 -5.39 -11.06
C SER B 338 20.42 -6.41 -12.18
N ASP B 339 21.44 -7.25 -12.35
CA ASP B 339 21.39 -8.25 -13.43
C ASP B 339 20.28 -9.26 -13.21
N TYR B 340 19.84 -9.44 -11.97
CA TYR B 340 18.78 -10.39 -11.65
C TYR B 340 17.38 -9.79 -11.76
N PHE B 341 17.26 -8.47 -11.84
CA PHE B 341 15.98 -7.81 -11.97
C PHE B 341 15.83 -7.24 -13.37
N VAL B 342 14.63 -7.35 -13.93
CA VAL B 342 14.37 -6.85 -15.28
C VAL B 342 14.14 -5.35 -15.23
N GLU B 343 14.31 -4.71 -16.38
CA GLU B 343 14.31 -3.26 -16.47
C GLU B 343 12.96 -2.65 -16.81
N TRP B 344 12.08 -3.39 -17.49
CA TRP B 344 10.83 -2.81 -17.97
C TRP B 344 9.77 -2.68 -16.87
N ILE B 345 10.10 -2.98 -15.62
CA ILE B 345 9.13 -2.87 -14.54
C ILE B 345 8.80 -1.41 -14.23
N PRO B 346 9.82 -0.60 -13.87
CA PRO B 346 11.24 -0.89 -13.61
C PRO B 346 11.53 -1.15 -12.12
N ASN B 347 10.84 -0.42 -11.25
CA ASN B 347 11.07 -0.54 -9.81
C ASN B 347 10.72 -1.94 -9.32
N ASN B 348 11.73 -2.68 -8.87
CA ASN B 348 11.52 -4.04 -8.37
C ASN B 348 11.61 -4.05 -6.85
N VAL B 349 10.56 -3.49 -6.23
CA VAL B 349 10.49 -3.41 -4.78
C VAL B 349 9.07 -3.04 -4.40
N GLN B 350 8.62 -3.53 -3.24
CA GLN B 350 7.29 -3.23 -2.73
C GLN B 350 7.29 -3.46 -1.23
N THR B 351 6.99 -2.44 -0.46
CA THR B 351 7.02 -2.50 0.99
C THR B 351 5.61 -2.49 1.57
N ALA B 352 5.52 -2.74 2.87
CA ALA B 352 4.25 -2.76 3.58
C ALA B 352 4.47 -2.87 5.07
N VAL B 353 4.89 -1.77 5.71
CA VAL B 353 5.18 -1.79 7.13
C VAL B 353 3.89 -2.05 7.91
N CYS B 354 4.00 -2.80 8.99
CA CYS B 354 2.88 -3.13 9.86
C CYS B 354 2.97 -2.31 11.15
N SER B 355 2.50 -2.90 12.25
CA SER B 355 2.54 -2.22 13.54
C SER B 355 2.96 -3.17 14.65
N VAL B 356 2.19 -4.25 14.85
CA VAL B 356 2.49 -5.23 15.88
C VAL B 356 3.68 -6.08 15.44
N ALA B 357 4.02 -7.09 16.24
CA ALA B 357 5.13 -7.98 15.95
C ALA B 357 4.74 -9.40 16.33
N PRO B 358 5.35 -10.40 15.70
CA PRO B 358 5.02 -11.79 16.05
C PRO B 358 5.53 -12.15 17.44
N GLN B 359 4.81 -13.06 18.08
CA GLN B 359 5.18 -13.50 19.43
C GLN B 359 6.52 -14.23 19.39
N GLY B 360 7.40 -13.87 20.31
CA GLY B 360 8.72 -14.48 20.41
C GLY B 360 9.81 -13.72 19.69
N LEU B 361 9.46 -12.79 18.80
CA LEU B 361 10.44 -12.02 18.05
C LEU B 361 10.04 -10.55 18.07
N ASP B 362 11.03 -9.69 17.82
CA ASP B 362 10.80 -8.25 17.79
C ASP B 362 10.49 -7.73 16.39
N MET B 363 10.75 -8.51 15.36
CA MET B 363 10.48 -8.08 13.99
C MET B 363 10.62 -9.29 13.07
N ALA B 364 9.78 -9.31 12.03
CA ALA B 364 9.80 -10.37 11.04
C ALA B 364 9.50 -9.77 9.67
N ALA B 365 9.72 -10.56 8.63
CA ALA B 365 9.50 -10.11 7.27
C ALA B 365 9.43 -11.32 6.34
N THR B 366 8.53 -11.26 5.38
CA THR B 366 8.37 -12.31 4.39
C THR B 366 8.97 -11.87 3.05
N PHE B 367 8.91 -12.77 2.07
CA PHE B 367 9.43 -12.49 0.74
C PHE B 367 8.56 -13.21 -0.29
N ILE B 368 8.03 -12.44 -1.23
CA ILE B 368 7.18 -12.98 -2.30
C ILE B 368 7.57 -12.29 -3.60
N ALA B 369 7.86 -13.10 -4.63
CA ALA B 369 8.28 -12.56 -5.91
C ALA B 369 7.95 -13.56 -7.00
N ASN B 370 8.13 -13.13 -8.25
CA ASN B 370 7.93 -13.97 -9.43
C ASN B 370 9.26 -14.04 -10.18
N SER B 371 9.94 -15.18 -10.07
CA SER B 371 11.21 -15.39 -10.75
C SER B 371 10.99 -16.25 -11.99
N THR B 372 11.80 -15.95 -13.03
CA THR B 372 11.71 -16.71 -14.27
C THR B 372 12.16 -18.15 -14.13
N SER B 373 12.80 -18.51 -13.01
CA SER B 373 13.26 -19.86 -12.78
C SER B 373 12.15 -20.80 -12.34
N ILE B 374 10.93 -20.28 -12.12
CA ILE B 374 9.82 -21.13 -11.72
C ILE B 374 9.50 -22.16 -12.79
N GLN B 375 9.82 -21.85 -14.05
CA GLN B 375 9.56 -22.78 -15.14
C GLN B 375 10.31 -24.09 -14.93
N GLU B 376 11.48 -24.05 -14.26
CA GLU B 376 12.23 -25.27 -14.02
C GLU B 376 11.43 -26.27 -13.21
N LEU B 377 10.65 -25.78 -12.24
CA LEU B 377 9.82 -26.67 -11.44
C LEU B 377 8.78 -27.38 -12.29
N PHE B 378 8.33 -26.74 -13.38
CA PHE B 378 7.36 -27.36 -14.26
C PHE B 378 8.00 -28.35 -15.21
N LYS B 379 9.25 -28.11 -15.61
CA LYS B 379 9.94 -29.04 -16.51
C LYS B 379 10.14 -30.39 -15.85
N ARG B 380 10.45 -30.40 -14.55
CA ARG B 380 10.63 -31.66 -13.84
C ARG B 380 9.35 -32.47 -13.84
N VAL B 381 8.20 -31.81 -13.68
CA VAL B 381 6.93 -32.51 -13.70
C VAL B 381 6.56 -32.91 -15.13
N GLY B 382 6.88 -32.06 -16.10
CA GLY B 382 6.57 -32.40 -17.48
C GLY B 382 7.38 -33.56 -18.00
N ASP B 383 8.67 -33.61 -17.67
CA ASP B 383 9.52 -34.72 -18.11
C ASP B 383 9.04 -36.03 -17.51
N GLN B 384 8.82 -36.05 -16.20
CA GLN B 384 8.33 -37.28 -15.55
C GLN B 384 6.92 -37.63 -15.99
N PHE B 385 6.12 -36.62 -16.35
CA PHE B 385 4.76 -36.88 -16.82
C PHE B 385 4.74 -37.66 -18.13
N SER B 386 5.67 -37.36 -19.03
CA SER B 386 5.75 -38.02 -20.33
C SER B 386 6.74 -39.18 -20.34
N ALA B 387 7.91 -39.01 -19.74
CA ALA B 387 8.91 -40.08 -19.75
C ALA B 387 8.41 -41.33 -19.04
N MET B 388 7.62 -41.16 -17.98
CA MET B 388 7.12 -42.31 -17.24
C MET B 388 5.92 -42.96 -17.94
N PHE B 389 5.00 -42.13 -18.45
CA PHE B 389 3.80 -42.62 -19.11
C PHE B 389 3.97 -42.76 -20.61
N LYS B 390 5.21 -42.78 -21.11
CA LYS B 390 5.43 -42.95 -22.54
C LYS B 390 4.98 -44.32 -23.01
N ARG B 391 5.10 -45.34 -22.17
CA ARG B 391 4.69 -46.70 -22.50
C ARG B 391 3.32 -47.05 -21.96
N LYS B 392 2.54 -46.05 -21.52
CA LYS B 392 1.21 -46.27 -20.97
C LYS B 392 1.27 -47.22 -19.76
N ALA B 393 1.78 -46.66 -18.66
CA ALA B 393 1.92 -47.38 -17.40
C ALA B 393 1.11 -46.67 -16.32
N PHE B 394 0.39 -47.44 -15.52
CA PHE B 394 -0.44 -46.91 -14.44
C PHE B 394 -1.48 -45.93 -14.96
N LEU B 395 -1.93 -46.14 -16.21
CA LEU B 395 -2.92 -45.27 -16.83
C LEU B 395 -4.33 -45.85 -16.81
N HIS B 396 -4.46 -47.18 -16.71
CA HIS B 396 -5.78 -47.79 -16.68
C HIS B 396 -6.58 -47.39 -15.44
N TRP B 397 -5.91 -46.96 -14.37
CA TRP B 397 -6.63 -46.57 -13.17
C TRP B 397 -7.44 -45.30 -13.41
N TYR B 398 -6.93 -44.39 -14.24
CA TYR B 398 -7.61 -43.14 -14.53
C TYR B 398 -8.63 -43.27 -15.66
N THR B 399 -8.28 -44.00 -16.72
CA THR B 399 -9.21 -44.17 -17.83
C THR B 399 -10.45 -44.95 -17.41
N SER B 400 -10.32 -45.81 -16.39
CA SER B 400 -11.47 -46.59 -15.95
C SER B 400 -12.54 -45.70 -15.34
N GLU B 401 -12.16 -44.53 -14.83
CA GLU B 401 -13.15 -43.63 -14.23
C GLU B 401 -14.07 -43.04 -15.28
N GLY B 402 -13.51 -42.63 -16.42
CA GLY B 402 -14.29 -42.04 -17.49
C GLY B 402 -13.51 -41.07 -18.34
N MET B 403 -12.44 -40.52 -17.79
CA MET B 403 -11.61 -39.57 -18.53
C MET B 403 -10.95 -40.26 -19.72
N ASP B 404 -10.90 -39.54 -20.84
CA ASP B 404 -10.29 -40.04 -22.06
C ASP B 404 -8.84 -39.56 -22.17
N GLU B 405 -8.10 -40.22 -23.05
CA GLU B 405 -6.68 -39.87 -23.24
C GLU B 405 -6.53 -38.43 -23.71
N LEU B 406 -7.51 -37.90 -24.43
CA LEU B 406 -7.43 -36.53 -24.92
C LEU B 406 -7.43 -35.54 -23.77
N GLU B 407 -8.16 -35.83 -22.70
CA GLU B 407 -8.23 -34.91 -21.57
C GLU B 407 -6.88 -34.80 -20.87
N PHE B 408 -6.12 -35.89 -20.82
CA PHE B 408 -4.80 -35.85 -20.18
C PHE B 408 -3.76 -35.19 -21.05
N SER B 409 -3.96 -35.17 -22.37
CA SER B 409 -3.00 -34.54 -23.26
C SER B 409 -3.09 -33.03 -23.22
N GLU B 410 -4.31 -32.49 -23.09
CA GLU B 410 -4.48 -31.04 -23.03
C GLU B 410 -3.82 -30.44 -21.80
N ALA B 411 -3.72 -31.21 -20.71
CA ALA B 411 -3.09 -30.69 -19.51
C ALA B 411 -1.59 -30.48 -19.70
N GLU B 412 -0.96 -31.33 -20.52
CA GLU B 412 0.47 -31.17 -20.78
C GLU B 412 0.75 -30.01 -21.71
N SER B 413 -0.12 -29.78 -22.68
CA SER B 413 0.07 -28.67 -23.61
C SER B 413 0.01 -27.33 -22.90
N ASN B 414 -0.85 -27.21 -21.88
CA ASN B 414 -0.95 -25.96 -21.15
C ASN B 414 0.32 -25.66 -20.38
N MET B 415 0.85 -26.65 -19.66
CA MET B 415 2.09 -26.45 -18.92
C MET B 415 3.24 -26.08 -19.85
N ASN B 416 3.29 -26.70 -21.04
CA ASN B 416 4.33 -26.36 -22.00
C ASN B 416 4.21 -24.92 -22.46
N ASP B 417 2.99 -24.38 -22.51
CA ASP B 417 2.81 -22.99 -22.89
C ASP B 417 3.26 -22.04 -21.79
N LEU B 418 3.02 -22.42 -20.52
CA LEU B 418 3.45 -21.58 -19.40
C LEU B 418 4.96 -21.37 -19.43
N VAL B 419 5.72 -22.41 -19.77
CA VAL B 419 7.17 -22.27 -19.84
C VAL B 419 7.57 -21.25 -20.89
N SER B 420 6.79 -21.13 -21.97
CA SER B 420 7.07 -20.14 -23.01
C SER B 420 6.69 -18.74 -22.57
N GLU B 421 5.73 -18.61 -21.65
CA GLU B 421 5.32 -17.29 -21.17
C GLU B 421 6.47 -16.58 -20.46
N TYR B 422 7.41 -17.33 -19.90
CA TYR B 422 8.58 -16.74 -19.24
C TYR B 422 9.69 -16.38 -20.21
N GLN B 423 9.38 -16.30 -21.51
CA GLN B 423 10.40 -15.96 -22.51
C GLN B 423 9.87 -14.94 -23.52
N GLN B 424 8.86 -14.15 -23.16
CA GLN B 424 8.22 -13.24 -24.11
C GLN B 424 8.49 -11.72 -24.03
N TYR B 425 8.78 -11.06 -22.89
CA TYR B 425 9.06 -11.58 -21.55
C TYR B 425 10.26 -12.52 -21.51
N GLN B 426 11.33 -12.13 -22.20
CA GLN B 426 12.55 -12.94 -22.23
C GLN B 426 13.12 -13.07 -20.83
N GLU B 427 13.76 -14.21 -20.59
CA GLU B 427 14.37 -14.49 -19.29
C GLU B 427 15.50 -13.51 -19.01
#